data_5Y0A
#
_entry.id   5Y0A
#
loop_
_entity.id
_entity.type
_entity.pdbx_description
1 polymer 'protein E'
2 polymer 'variable region of Fab ZKA190 heavy chain'
3 polymer 'variable region of Fab ZKA190 light chain'
#
loop_
_entity_poly.entity_id
_entity_poly.type
_entity_poly.pdbx_seq_one_letter_code
_entity_poly.pdbx_strand_id
1 'polypeptide(L)'
;IRCIGVSNRDFVEGMSGGTWVDVVLEHGGCVTVMAQDKPTVDIELVTTTVSNMAEVRSYCYEASISDMASDSRCPTQGEA
YLDKQSDTQYVCKRTLVDRGWGNGCGLFGKGSLVTCAKFACSKKMTGKSIQPENLEYRIMLSVHGSQHSGMIVNDTGHET
DENRAKVEITPNSPRAEATLGGFGSLGLDCEPRTGLDFSDLYYLTMNNKHWLVHKEWFHDIPLPWHAGADTGTPHWNNKE
ALVEFKDAHAKRQTVVVLGSQEGAVHTALAGALEAEMDGAKGRLSSGHLKCRLKMDKLRLKGVSYSLCTAAFTFTKIPAE
TLHGTVTVEVQYAGTDGPCKVPAQMAVDMQTLTPVGRLITANPVITESTENSKMMLELDPPFGDSYIVIGVGEKKITHHW
HRS
;
A,C,B
2 'polypeptide(L)'
;QVQLVESGGGVVQPGRSLRLSCAASGFTFSKYGMHWVRQAPGKGLEWVAVISYEGSNKYYADSVKGRFTISRDNSKNTLY
LQMNSLRAEDTAVYYCAKSGTQYYDTTGYEYRGLEYFGYWGQGTLVTVS
;
H,F,D
3 'polypeptide(L)'
;EIVLTQSPGTLSLSPGERATLSCRASQSVSSSYLAWYQQKRGQAPRLLIYDASSRATGIPDRFSGSGSGTDFTLTISRLE
PEDFAVYYCQQYGRSRWTFGQGTKVEIK
;
L,G,E
#
# COMPACT_ATOMS: atom_id res chain seq x y z
CA ILE A 1 -43.37 -58.97 12.61
CA ARG A 2 -44.14 -55.39 11.62
CA CYS A 3 -45.90 -52.42 13.24
CA ILE A 4 -46.53 -53.99 16.67
CA GLY A 5 -44.02 -51.55 18.14
CA VAL A 6 -45.15 -48.42 16.33
CA SER A 7 -46.77 -45.75 18.48
CA ASN A 8 -48.26 -43.92 15.52
CA ARG A 9 -50.35 -46.87 14.35
CA ASP A 10 -53.78 -46.74 12.73
CA PHE A 11 -56.19 -49.68 12.63
CA VAL A 12 -58.45 -49.58 9.57
CA GLU A 13 -61.28 -52.03 9.09
CA GLY A 14 -62.03 -53.24 5.55
CA MET A 15 -65.82 -53.55 5.03
CA SER A 16 -68.19 -55.75 2.98
CA GLY A 17 -66.29 -56.90 -0.06
CA GLY A 18 -65.62 -53.19 0.05
CA THR A 19 -62.70 -53.31 -2.39
CA TRP A 20 -61.17 -50.05 -1.07
CA VAL A 21 -60.19 -48.12 2.06
CA ASP A 22 -58.70 -44.68 2.72
CA VAL A 23 -55.37 -44.60 4.55
CA VAL A 24 -53.05 -41.88 5.78
CA LEU A 25 -49.36 -42.67 5.55
CA GLU A 26 -47.06 -40.79 7.91
CA HIS A 27 -43.31 -41.21 8.26
CA GLY A 28 -42.44 -43.56 11.11
CA GLY A 29 -46.05 -44.67 11.05
CA CYS A 30 -48.02 -47.77 10.19
CA VAL A 31 -51.50 -48.57 8.94
CA THR A 32 -52.87 -52.03 9.77
CA VAL A 33 -55.80 -52.90 7.49
CA MET A 34 -58.13 -55.76 8.32
CA ALA A 35 -61.05 -57.13 6.38
CA GLN A 36 -63.24 -60.23 6.60
CA ASP A 37 -61.92 -62.99 4.32
CA LYS A 38 -58.72 -61.02 3.75
CA PRO A 39 -55.18 -61.33 5.05
CA THR A 40 -54.39 -58.43 7.36
CA VAL A 41 -51.95 -56.05 5.65
CA ASP A 42 -49.52 -53.41 6.91
CA ILE A 43 -48.90 -50.21 4.92
CA GLU A 44 -45.90 -48.04 5.84
CA LEU A 45 -44.28 -44.94 4.35
CA VAL A 46 -40.61 -45.88 4.61
CA THR A 47 -38.76 -43.02 2.84
CA THR A 48 -39.39 -39.76 1.04
CA THR A 49 -36.64 -38.61 -1.32
CA VAL A 50 -35.86 -35.79 -3.74
CA SER A 51 -33.42 -36.46 -6.57
CA ASN A 52 -31.46 -34.17 -8.93
CA MET A 53 -31.47 -31.15 -6.61
CA ALA A 54 -29.80 -28.25 -8.35
CA GLU A 55 -27.36 -25.65 -6.98
CA VAL A 56 -28.81 -22.14 -6.80
CA ARG A 57 -26.42 -20.22 -4.54
CA SER A 58 -23.51 -20.68 -2.17
CA TYR A 59 -22.79 -18.43 0.83
CA CYS A 60 -19.45 -18.00 2.57
CA TYR A 61 -19.85 -18.14 6.33
CA GLU A 62 -16.18 -18.28 7.17
CA ALA A 63 -13.49 -16.30 5.37
CA SER A 64 -9.86 -15.29 5.67
CA ILE A 65 -7.72 -12.51 4.18
CA SER A 66 -4.17 -12.23 2.91
CA ASP A 67 -1.90 -9.96 0.86
CA MET A 68 -3.06 -6.74 2.49
CA ALA A 69 -1.56 -3.66 0.84
CA SER A 70 -2.16 0.09 0.77
CA ASP A 71 -1.31 2.99 -1.52
CA SER A 72 -1.62 6.70 -0.83
CA ARG A 73 -1.21 10.10 -2.49
CA CYS A 74 -0.84 13.65 -1.17
CA PRO A 75 -3.48 16.22 -2.09
CA THR A 76 -3.12 17.05 -5.83
CA GLN A 77 -1.02 13.89 -6.36
CA GLY A 78 -3.84 11.91 -8.02
CA GLU A 79 -5.65 8.68 -7.17
CA ALA A 80 -3.96 5.96 -5.10
CA TYR A 81 -3.37 2.77 -7.06
CA LEU A 82 -2.77 -0.91 -6.35
CA ASP A 83 -2.26 -3.78 -8.84
CA LYS A 84 -5.11 -5.73 -7.31
CA GLN A 85 -7.64 -2.94 -6.85
CA SER A 86 -10.02 -4.01 -9.64
CA ASP A 87 -9.17 -7.72 -9.33
CA THR A 88 -12.22 -9.86 -8.50
CA GLN A 89 -10.50 -11.96 -5.83
CA TYR A 90 -9.55 -8.86 -3.82
CA VAL A 91 -11.74 -6.72 -1.61
CA CYS A 92 -10.80 -3.04 -1.60
CA LYS A 93 -11.72 0.23 0.04
CA ARG A 94 -10.86 3.65 -1.36
CA THR A 95 -11.07 6.67 0.89
CA LEU A 96 -9.86 10.22 1.57
CA VAL A 97 -7.72 11.04 4.63
CA ASP A 98 -6.16 14.14 6.22
CA ARG A 99 -2.63 14.92 4.98
CA GLY A 100 -0.16 17.66 5.88
CA TRP A 101 3.43 18.46 6.83
CA GLY A 102 3.32 16.02 9.73
CA ASN A 103 2.84 12.98 7.48
CA GLY A 104 4.85 13.76 4.36
CA CYS A 105 2.80 16.19 2.26
CA GLY A 106 3.45 19.83 1.36
CA LEU A 107 -0.26 20.72 1.33
CA PHE A 108 -2.79 20.41 4.15
CA GLY A 109 -5.75 18.61 2.58
CA LYS A 110 -7.42 15.32 1.62
CA GLY A 111 -5.01 12.72 0.30
CA SER A 112 -6.16 9.58 -1.52
CA LEU A 113 -5.87 6.16 0.07
CA VAL A 114 -6.71 2.67 -1.09
CA THR A 115 -6.39 -0.59 0.80
CA CYS A 116 -6.83 -4.08 -0.63
CA ALA A 117 -6.75 -7.65 0.66
CA LYS A 118 -7.21 -11.10 -0.88
CA PHE A 119 -10.46 -12.82 0.05
CA ALA A 120 -10.63 -16.59 0.46
CA CYS A 121 -13.62 -18.57 1.70
CA SER A 122 -12.75 -21.08 4.43
CA LYS A 123 -16.26 -22.50 4.72
CA LYS A 124 -19.49 -22.21 2.73
CA MET A 125 -23.06 -23.47 2.69
CA THR A 126 -25.07 -24.32 -0.45
CA GLY A 127 -28.74 -23.89 -1.33
CA LYS A 128 -30.37 -26.13 -3.92
CA SER A 129 -33.69 -26.09 -5.77
CA ILE A 130 -36.08 -29.01 -5.68
CA GLN A 131 -38.54 -30.11 -8.35
CA PRO A 132 -41.74 -32.05 -7.43
CA GLU A 133 -41.16 -34.18 -10.53
CA ASN A 134 -38.18 -35.67 -8.69
CA LEU A 135 -40.05 -36.38 -5.43
CA GLU A 136 -40.39 -40.08 -4.57
CA TYR A 137 -42.36 -41.93 -1.86
CA ARG A 138 -41.22 -45.44 -0.96
CA ILE A 139 -44.03 -47.49 0.55
CA MET A 140 -43.96 -51.02 1.95
CA LEU A 141 -46.98 -53.32 1.90
CA SER A 142 -46.78 -56.60 3.80
CA VAL A 143 -48.96 -59.44 5.03
CA HIS A 144 -49.34 -58.92 8.77
CA GLY A 145 -48.03 -62.09 10.39
CA SER A 146 -45.08 -62.52 8.05
CA GLU A 162 -43.23 -62.58 -1.50
CA ASN A 163 -45.20 -61.50 1.57
CA ARG A 164 -43.60 -58.07 1.27
CA ALA A 165 -43.64 -55.53 -1.54
CA LYS A 166 -42.21 -52.06 -1.95
CA VAL A 167 -43.78 -49.58 -4.35
CA GLU A 168 -42.88 -46.09 -5.41
CA ILE A 169 -45.31 -43.23 -5.71
CA THR A 170 -44.45 -39.99 -7.56
CA PRO A 171 -46.43 -36.80 -8.29
CA ASN A 172 -46.51 -37.86 -11.96
CA SER A 173 -47.01 -41.53 -11.12
CA PRO A 174 -49.49 -41.60 -8.19
CA ARG A 175 -50.65 -45.16 -8.98
CA ALA A 176 -48.96 -48.39 -8.04
CA GLU A 177 -49.76 -52.05 -7.66
CA ALA A 178 -48.04 -54.53 -5.37
CA THR A 179 -48.13 -58.29 -5.82
CA LEU A 180 -48.12 -60.35 -2.64
CA GLY A 181 -47.73 -63.75 -4.29
CA GLY A 182 -50.34 -66.16 -2.98
CA PHE A 183 -52.49 -63.43 -1.44
CA GLY A 184 -53.08 -61.67 -4.73
CA SER A 185 -52.41 -57.99 -5.16
CA LEU A 186 -53.02 -54.51 -3.78
CA GLY A 187 -53.61 -51.23 -5.55
CA LEU A 188 -52.48 -47.87 -4.18
CA ASP A 189 -53.89 -44.57 -5.45
CA CYS A 190 -52.27 -41.67 -3.65
CA GLU A 191 -52.84 -37.94 -3.76
CA PRO A 192 -49.31 -36.44 -3.62
CA ARG A 193 -50.99 -33.02 -3.62
CA THR A 194 -51.88 -33.78 0.00
CA GLY A 195 -48.20 -34.30 0.75
CA LEU A 196 -45.28 -31.92 1.08
CA ASP A 197 -45.23 -28.66 -0.84
CA PHE A 198 -42.02 -27.24 -2.35
CA SER A 199 -41.76 -24.24 -4.70
CA ASP A 200 -41.07 -21.92 -1.75
CA LEU A 201 -38.29 -24.13 -0.42
CA TYR A 202 -34.57 -24.72 -0.85
CA TYR A 203 -32.45 -27.62 0.35
CA LEU A 204 -29.63 -26.09 2.39
CA THR A 205 -26.43 -27.87 3.36
CA MET A 206 -23.93 -26.46 5.85
CA ASN A 207 -21.02 -28.40 7.32
CA ASN A 208 -22.67 -31.76 6.58
CA LYS A 209 -25.99 -30.73 8.16
CA HIS A 210 -29.14 -30.23 6.05
CA TRP A 211 -32.36 -28.22 6.20
CA LEU A 212 -35.36 -27.17 4.14
CA VAL A 213 -35.64 -23.39 4.20
CA HIS A 214 -37.95 -20.73 2.77
CA LYS A 215 -36.67 -19.04 -0.37
CA GLU A 216 -36.91 -15.39 0.65
CA TRP A 217 -34.98 -15.89 3.88
CA PHE A 218 -32.28 -17.74 1.96
CA HIS A 219 -32.24 -14.94 -0.62
CA ASP A 220 -31.92 -12.25 2.09
CA ILE A 221 -28.87 -13.71 3.86
CA PRO A 222 -26.22 -10.96 4.31
CA LEU A 223 -23.19 -13.09 3.42
CA PRO A 224 -20.77 -13.16 0.51
CA TRP A 225 -22.20 -15.36 -2.21
CA HIS A 226 -22.19 -16.70 -5.75
CA ALA A 227 -24.79 -18.43 -7.91
CA GLY A 228 -24.72 -21.88 -9.38
CA ALA A 229 -21.71 -23.15 -9.27
CA ASP A 230 -19.27 -23.18 -11.01
CA THR A 231 -15.99 -24.50 -12.50
CA GLY A 232 -13.54 -21.70 -12.90
CA THR A 233 -12.47 -20.04 -9.68
CA PRO A 234 -15.42 -18.72 -7.59
CA HIS A 235 -15.97 -14.95 -7.54
CA TRP A 236 -17.92 -14.10 -4.36
CA ASN A 237 -20.24 -11.10 -4.44
CA ASN A 238 -20.45 -8.76 -1.46
CA LYS A 239 -17.18 -9.82 0.14
CA GLU A 240 -17.57 -6.76 2.39
CA ALA A 241 -20.15 -8.78 4.33
CA LEU A 242 -17.30 -10.58 6.10
CA VAL A 243 -14.53 -8.02 5.70
CA GLU A 244 -14.41 -4.65 7.40
CA PHE A 245 -12.01 -1.77 7.14
CA LYS A 246 -11.26 0.21 10.24
CA ASP A 247 -9.71 3.60 10.83
CA ALA A 248 -7.98 5.29 7.84
CA HIS A 249 -4.49 6.44 8.75
CA ALA A 250 -2.41 8.65 6.42
CA LYS A 251 -0.84 5.79 4.48
CA ARG A 252 -2.63 2.68 5.76
CA GLN A 253 -5.95 1.14 6.75
CA THR A 254 -6.47 -1.89 8.97
CA VAL A 255 -8.41 -4.74 7.33
CA VAL A 256 -10.07 -7.39 9.48
CA VAL A 257 -12.35 -10.39 8.89
CA LEU A 258 -15.53 -10.94 10.89
CA GLY A 259 -15.86 -14.21 12.77
CA SER A 260 -17.63 -17.35 11.61
CA GLN A 261 -21.35 -16.94 10.97
CA GLU A 262 -21.98 -20.68 11.34
CA GLY A 263 -23.66 -20.25 14.71
CA ALA A 264 -25.77 -17.30 13.57
CA VAL A 265 -27.12 -19.51 10.78
CA HIS A 266 -27.70 -22.38 13.22
CA THR A 267 -29.72 -20.02 15.43
CA ALA A 268 -31.60 -18.78 12.38
CA LEU A 269 -32.46 -22.37 11.49
CA ALA A 270 -33.72 -23.24 14.98
CA GLY A 271 -37.18 -23.72 13.51
CA ALA A 272 -36.23 -25.10 10.06
CA LEU A 273 -37.23 -28.58 8.91
CA GLU A 274 -34.41 -31.14 8.94
CA ALA A 275 -32.46 -32.80 7.04
CA GLU A 276 -30.79 -35.98 5.84
CA MET A 277 -28.78 -36.54 2.68
CA ASP A 278 -27.76 -40.21 2.68
CA GLY A 279 -27.18 -40.66 -0.06
CA ALA A 280 -26.77 -38.53 -3.22
CA LYS A 281 -30.52 -37.77 -2.97
CA GLY A 282 -32.20 -35.60 -0.36
CA ARG A 283 -34.10 -37.61 2.25
CA LEU A 284 -37.04 -35.96 4.00
CA SER A 285 -38.62 -36.79 7.36
CA SER A 286 -42.00 -35.09 7.86
CA GLY A 287 -44.09 -37.32 5.61
CA HIS A 288 -47.77 -37.10 4.74
CA LEU A 289 -49.64 -39.08 2.09
CA LYS A 290 -53.36 -39.64 1.65
CA CYS A 291 -53.95 -42.84 -0.25
CA ARG A 292 -56.63 -45.19 -1.45
CA LEU A 293 -56.01 -48.91 -0.96
CA LYS A 294 -57.76 -51.03 -3.58
CA MET A 295 -58.26 -54.54 -2.16
CA ASP A 296 -60.46 -56.38 -4.69
CA LYS A 297 -57.47 -58.44 -5.83
CA LEU A 298 -56.32 -59.28 -2.29
CA ARG A 299 -57.30 -62.82 -1.27
CA LEU A 300 -56.71 -65.69 1.15
CA LYS A 301 -54.50 -68.37 -0.39
CA GLY A 302 -56.29 -71.08 -2.38
CA VAL A 303 -54.75 -73.84 -0.27
CA SER A 304 -56.44 -75.02 2.90
CA TYR A 305 -54.55 -76.70 5.75
CA SER A 306 -55.28 -79.11 8.59
CA LEU A 307 -54.97 -77.83 12.14
CA CYS A 308 -51.48 -78.32 13.63
CA THR A 309 -51.52 -81.42 15.86
CA ALA A 310 -48.37 -81.06 17.95
CA ALA A 311 -47.57 -78.89 20.95
CA PHE A 312 -47.14 -75.11 21.05
CA THR A 313 -44.98 -73.48 23.75
CA PHE A 314 -44.32 -69.84 24.62
CA THR A 315 -40.93 -68.50 23.60
CA LYS A 316 -42.20 -64.97 24.19
CA ILE A 317 -44.94 -64.69 26.80
CA PRO A 318 -48.07 -62.58 26.10
CA ALA A 319 -47.33 -58.85 26.08
CA GLU A 320 -49.63 -55.86 25.75
CA THR A 321 -48.78 -53.41 22.96
CA LEU A 322 -49.21 -49.62 23.27
CA HIS A 323 -52.60 -50.05 21.63
CA GLY A 324 -53.96 -52.76 23.91
CA THR A 325 -53.47 -55.66 21.53
CA VAL A 326 -51.47 -58.66 22.73
CA THR A 327 -48.52 -60.27 21.04
CA VAL A 328 -47.23 -63.75 21.60
CA GLU A 329 -44.40 -65.86 20.23
CA VAL A 330 -44.93 -69.61 20.11
CA GLN A 331 -42.65 -72.46 19.16
CA TYR A 332 -44.16 -75.45 17.30
CA ALA A 333 -42.68 -78.91 17.89
CA GLY A 334 -44.39 -80.72 15.02
CA THR A 335 -43.31 -81.68 11.53
CA ASP A 336 -46.77 -81.70 9.91
CA GLY A 337 -46.37 -78.18 8.51
CA PRO A 338 -47.66 -76.28 6.72
CA CYS A 339 -50.65 -76.24 9.08
CA LYS A 340 -53.29 -74.00 10.62
CA VAL A 341 -52.44 -72.70 14.09
CA PRO A 342 -55.36 -73.34 16.45
CA ALA A 343 -55.61 -69.88 17.99
CA GLN A 344 -58.49 -68.09 19.64
CA MET A 345 -59.75 -66.28 22.70
CA ALA A 346 -62.64 -67.55 24.87
CA VAL A 347 -64.36 -66.50 28.11
CA ASP A 348 -66.02 -69.90 28.62
CA MET A 349 -63.50 -72.76 28.46
CA GLN A 350 -66.31 -75.30 28.13
CA THR A 351 -67.90 -74.06 24.92
CA LEU A 352 -64.87 -72.21 23.51
CA THR A 353 -67.01 -69.72 21.57
CA PRO A 354 -64.53 -67.24 20.13
CA VAL A 355 -64.34 -63.72 21.51
CA GLY A 356 -62.25 -60.78 20.33
CA ARG A 357 -60.31 -61.37 17.14
CA LEU A 358 -56.90 -62.11 15.66
CA ILE A 359 -55.01 -59.24 14.07
CA THR A 360 -52.64 -61.77 12.54
CA ALA A 361 -55.66 -63.40 10.94
CA ASN A 362 -55.63 -67.02 9.76
CA PRO A 363 -52.27 -67.91 11.36
CA VAL A 364 -50.39 -70.71 9.62
CA ILE A 365 -47.10 -72.45 10.39
CA THR A 366 -45.39 -72.45 7.00
CA GLU A 367 -42.31 -74.48 7.92
CA SER A 368 -42.40 -78.25 7.45
CA THR A 369 -39.57 -78.68 9.95
CA GLU A 370 -39.67 -78.89 13.73
CA ASN A 371 -39.49 -76.21 16.45
CA SER A 372 -40.38 -73.32 14.17
CA LYS A 373 -41.30 -69.98 15.74
CA MET A 374 -44.26 -67.75 15.02
CA MET A 375 -45.69 -64.49 16.36
CA LEU A 376 -49.39 -63.84 16.84
CA GLU A 377 -51.24 -60.57 17.47
CA LEU A 378 -54.58 -60.77 19.28
CA ASP A 379 -57.33 -58.20 19.94
CA PRO A 380 -58.94 -59.30 23.22
CA PRO A 381 -62.23 -58.05 24.61
CA PHE A 382 -62.08 -55.65 27.59
CA GLY A 383 -61.91 -57.46 30.90
CA ASP A 384 -60.96 -61.10 31.27
CA SER A 385 -60.48 -63.75 28.61
CA TYR A 386 -58.37 -66.82 27.86
CA ILE A 387 -55.85 -67.00 25.03
CA VAL A 388 -56.01 -70.56 23.67
CA ILE A 389 -53.34 -71.89 21.31
CA GLY A 390 -53.12 -75.48 20.09
CA VAL A 391 -55.66 -78.29 20.63
CA GLY A 392 -56.11 -81.14 23.06
CA GLU A 393 -54.39 -81.61 26.38
CA LYS A 394 -51.10 -79.91 25.49
CA LYS A 395 -52.82 -76.70 24.39
CA ILE A 396 -51.80 -73.33 25.82
CA THR A 397 -54.42 -71.66 27.99
CA HIS A 398 -53.35 -68.28 29.26
CA HIS A 399 -55.50 -65.87 31.25
CA TRP A 400 -55.44 -62.36 29.77
CA HIS A 401 -56.75 -59.20 31.42
CA ARG A 402 -57.44 -56.14 29.25
CA SER A 403 -57.69 -53.14 31.55
CA ILE B 1 5.50 22.20 15.15
CA ARG B 2 2.67 20.39 16.98
CA CYS B 3 -1.09 20.54 16.24
CA ILE B 4 -0.89 22.27 12.86
CA GLY B 5 -2.20 19.09 11.23
CA VAL B 6 -4.86 18.25 13.82
CA SER B 7 -8.34 18.47 12.30
CA ASN B 8 -9.94 18.79 15.71
CA ARG B 9 -8.09 21.93 16.84
CA ASP B 10 -9.42 24.67 19.13
CA PHE B 11 -8.00 28.16 19.49
CA VAL B 12 -8.35 29.76 22.90
CA GLU B 13 -7.27 33.30 23.71
CA GLY B 14 -6.71 34.26 27.34
CA MET B 15 -7.50 37.91 28.18
CA SER B 16 -5.39 40.71 29.69
CA GLY B 17 -3.75 39.04 32.67
CA GLY B 18 -6.82 36.89 33.22
CA THR B 19 -5.06 34.07 35.12
CA TRP B 20 -7.55 31.36 33.94
CA VAL B 21 -8.93 29.96 30.69
CA ASP B 22 -11.40 27.14 30.05
CA VAL B 23 -10.40 24.38 27.64
CA VAL B 24 -12.05 21.21 26.41
CA LEU B 25 -9.72 18.33 25.62
CA GLU B 26 -11.06 15.74 23.18
CA HIS B 27 -9.34 12.55 22.10
CA GLY B 28 -7.12 13.12 19.07
CA GLY B 29 -7.73 16.83 19.56
CA CYS B 30 -5.56 19.80 20.43
CA VAL B 31 -6.04 23.16 22.03
CA THR B 32 -3.77 26.05 21.15
CA VAL B 33 -3.82 28.59 23.98
CA MET B 34 -2.64 32.14 23.28
CA ALA B 35 -2.36 35.06 25.68
CA GLN B 36 -0.80 38.52 25.55
CA ASP B 37 2.73 38.46 26.98
CA LYS B 38 2.75 34.66 27.25
CA PRO B 39 4.24 31.81 25.22
CA THR B 40 1.61 30.02 23.12
CA VAL B 41 0.97 26.55 24.54
CA ASP B 42 -0.52 23.40 23.02
CA ILE B 43 -2.55 21.09 25.25
CA GLU B 44 -3.56 17.63 24.09
CA LEU B 45 -5.19 14.60 25.62
CA VAL B 46 -2.89 11.67 24.85
CA THR B 47 -4.81 8.76 26.40
CA THR B 48 -7.79 7.90 28.56
CA THR B 49 -7.37 4.73 30.57
CA VAL B 50 -9.30 2.52 33.00
CA SER B 51 -7.20 0.40 35.34
CA ASN B 52 -7.91 -2.68 37.51
CA MET B 53 -10.95 -3.90 35.56
CA ALA B 54 -12.50 -6.86 37.30
CA GLU B 55 -13.73 -10.07 35.63
CA VAL B 56 -17.47 -10.57 36.11
CA ARG B 57 -18.31 -13.34 33.63
CA SER B 58 -17.02 -15.41 30.71
CA TYR B 59 -19.16 -16.81 27.87
CA CYS B 60 -18.03 -19.70 25.72
CA TYR B 61 -18.76 -18.83 22.10
CA GLU B 62 -17.01 -21.83 20.57
CA ALA B 63 -17.20 -25.36 21.92
CA SER B 64 -16.62 -29.00 21.08
CA ILE B 65 -17.80 -32.35 22.44
CA SER B 66 -16.25 -35.78 22.86
CA ASP B 67 -16.89 -39.36 24.09
CA MET B 68 -20.65 -39.32 23.74
CA ALA B 69 -22.20 -42.23 25.67
CA SER B 70 -25.73 -43.53 26.29
CA ASP B 71 -27.41 -45.81 28.81
CA SER B 72 -30.88 -47.29 28.39
CA ARG B 73 -33.34 -49.33 30.45
CA CYS B 74 -36.44 -51.28 29.45
CA PRO B 75 -39.84 -50.41 30.92
CA THR B 76 -39.96 -51.38 34.66
CA GLN B 77 -36.13 -51.67 34.72
CA GLY B 78 -35.52 -48.32 36.43
CA GLU B 79 -33.54 -45.17 35.66
CA ALA B 80 -30.77 -45.26 33.09
CA TYR B 81 -27.43 -44.37 34.65
CA LEU B 82 -24.04 -43.15 33.45
CA ASP B 83 -21.50 -42.15 36.13
CA LYS B 84 -20.48 -39.05 34.15
CA GLN B 85 -24.10 -37.93 34.49
CA SER B 86 -23.14 -36.03 37.63
CA ASP B 87 -19.74 -34.83 36.33
CA THR B 88 -19.82 -31.05 35.92
CA GLN B 89 -17.67 -31.31 32.79
CA TYR B 90 -20.38 -33.36 31.07
CA VAL B 91 -23.58 -32.17 29.42
CA CYS B 92 -26.39 -34.74 29.70
CA LYS B 93 -29.98 -35.30 28.64
CA ARG B 94 -32.40 -37.79 30.18
CA THR B 95 -35.55 -38.82 28.35
CA LEU B 96 -38.20 -41.54 27.95
CA VAL B 97 -38.30 -43.48 24.71
CA ASP B 98 -40.53 -46.15 23.10
CA ARG B 99 -39.35 -49.71 23.75
CA GLY B 100 -40.74 -53.14 22.83
CA TRP B 101 -39.87 -56.48 21.21
CA GLY B 102 -38.26 -54.93 18.16
CA ASN B 103 -35.57 -53.16 20.16
CA GLY B 104 -34.63 -55.56 22.94
CA CYS B 105 -37.34 -55.35 25.59
CA GLY B 106 -39.98 -57.88 26.64
CA LEU B 107 -42.48 -55.12 27.48
CA PHE B 108 -43.98 -52.40 25.28
CA GLY B 109 -43.77 -48.96 26.86
CA LYS B 110 -41.50 -46.10 27.95
CA GLY B 111 -37.90 -47.01 28.64
CA SER B 112 -35.33 -44.77 30.30
CA LEU B 113 -32.53 -43.20 28.28
CA VAL B 114 -29.65 -40.93 29.31
CA THR B 115 -26.98 -39.52 27.00
CA CYS B 116 -23.84 -37.58 28.00
CA ALA B 117 -21.02 -35.80 26.17
CA LYS B 118 -17.88 -34.10 27.45
CA PHE B 119 -18.04 -30.34 27.04
CA ALA B 120 -14.97 -28.29 26.14
CA CYS B 121 -14.79 -24.59 25.40
CA SER B 122 -12.62 -23.70 22.40
CA LYS B 123 -13.04 -19.94 22.63
CA LYS B 124 -14.51 -17.54 25.17
CA MET B 125 -15.17 -13.84 25.70
CA THR B 126 -14.89 -12.06 29.04
CA GLY B 127 -16.89 -9.19 30.55
CA LYS B 128 -15.26 -6.93 33.18
CA SER B 129 -16.52 -4.19 35.45
CA ILE B 130 -15.04 -0.71 35.36
CA GLN B 131 -14.94 1.88 38.16
CA PRO B 132 -14.68 5.64 37.56
CA GLU B 133 -12.05 5.90 40.34
CA ASN B 134 -9.62 3.97 38.12
CA LEU B 135 -10.10 6.44 35.26
CA GLU B 136 -6.86 8.14 34.20
CA TYR B 137 -6.13 10.93 31.73
CA ARG B 138 -2.70 11.47 30.25
CA ILE B 139 -2.22 15.03 29.04
CA MET B 140 0.67 16.65 27.19
CA LEU B 141 1.40 20.39 27.43
CA SER B 142 4.06 21.98 25.22
CA VAL B 143 5.37 25.39 24.17
CA HIS B 144 4.07 25.98 20.66
CA GLY B 145 6.92 26.32 18.19
CA SER B 146 9.40 24.05 19.96
CA GLU B 162 12.11 21.04 28.60
CA ASN B 163 9.46 22.80 26.49
CA ARG B 164 7.17 19.80 27.02
CA ALA B 165 5.40 18.34 30.06
CA LYS B 166 3.14 15.39 30.78
CA VAL B 167 0.59 15.29 33.56
CA GLU B 168 -1.75 12.66 34.94
CA ILE B 169 -5.28 13.39 36.03
CA THR B 170 -7.79 11.22 37.87
CA PRO B 171 -11.35 12.01 39.05
CA ASN B 172 -10.18 12.24 42.66
CA SER B 173 -7.01 14.13 41.77
CA PRO B 174 -8.40 16.81 39.42
CA ARG B 175 -5.57 19.31 39.95
CA ALA B 176 -1.97 19.22 38.63
CA GLU B 177 0.93 21.54 37.78
CA ALA B 178 3.12 21.37 34.69
CA THR B 179 6.52 23.06 34.59
CA LEU B 180 7.78 24.42 31.28
CA GLY B 181 11.41 25.33 32.00
CA GLY B 182 12.15 29.04 31.84
CA PHE B 183 8.55 29.73 30.82
CA GLY B 184 7.39 28.81 34.32
CA SER B 185 4.30 26.75 35.14
CA LEU B 186 0.71 25.94 34.25
CA GLY B 187 -2.03 24.83 36.65
CA LEU B 188 -4.63 22.32 35.55
CA ASP B 189 -7.98 21.80 37.24
CA CYS B 190 -9.83 19.06 35.34
CA GLU B 191 -13.23 17.32 35.30
CA PRO B 192 -14.04 14.00 33.53
CA ARG B 193 -16.68 14.17 30.81
CA THR B 194 -16.92 10.56 29.63
CA GLY B 195 -20.55 10.65 28.52
CA LEU B 196 -20.76 7.17 30.02
CA ASP B 197 -22.45 5.55 32.99
CA PHE B 198 -19.92 2.96 34.18
CA SER B 199 -22.60 1.38 36.38
CA ASP B 200 -24.46 0.37 33.22
CA LEU B 201 -21.49 -1.03 31.33
CA TYR B 202 -18.95 -3.84 31.04
CA TYR B 203 -15.65 -3.93 29.20
CA LEU B 204 -15.94 -6.85 26.76
CA THR B 205 -13.03 -8.79 25.30
CA MET B 206 -13.45 -11.29 22.47
CA ASN B 207 -10.56 -12.58 20.36
CA ASN B 208 -8.36 -9.46 20.70
CA LYS B 209 -11.27 -7.08 20.03
CA HIS B 210 -12.77 -4.92 22.78
CA TRP B 211 -16.03 -3.01 23.34
CA LEU B 212 -17.94 -1.29 26.07
CA VAL B 213 -21.34 -3.00 26.25
CA HIS B 214 -24.47 -2.59 28.35
CA LYS B 215 -24.84 -4.87 31.39
CA GLU B 216 -28.40 -5.97 30.63
CA TRP B 217 -27.46 -7.00 27.09
CA PHE B 218 -24.44 -8.92 28.39
CA HIS B 219 -26.50 -10.68 31.07
CA ASP B 220 -28.98 -11.95 28.45
CA ILE B 221 -26.48 -13.56 26.05
CA PRO B 222 -27.63 -17.16 25.46
CA LEU B 223 -24.24 -18.88 25.74
CA PRO B 224 -22.61 -21.17 28.28
CA TRP B 225 -20.98 -19.16 31.09
CA HIS B 226 -19.03 -19.00 34.32
CA ALA B 227 -18.39 -16.21 36.85
CA GLY B 228 -15.13 -14.30 37.24
CA ALA B 229 -12.02 -16.44 37.00
CA ASP B 230 -11.63 -18.64 38.68
CA THR B 231 -11.27 -21.68 40.93
CA GLY B 232 -9.14 -24.62 39.71
CA THR B 233 -10.44 -25.65 36.26
CA PRO B 234 -13.57 -24.16 34.54
CA HIS B 235 -17.18 -25.07 35.30
CA TRP B 236 -19.55 -24.07 32.51
CA ASN B 237 -23.21 -23.21 33.18
CA ASN B 238 -25.93 -23.66 30.55
CA LYS B 239 -23.82 -25.91 28.31
CA GLU B 240 -27.00 -26.76 26.37
CA ALA B 241 -26.81 -23.28 24.81
CA LEU B 242 -24.20 -24.72 22.45
CA VAL B 243 -25.06 -28.41 22.67
CA GLU B 244 -28.13 -30.03 21.17
CA PHE B 245 -29.62 -33.53 21.56
CA LYS B 246 -31.46 -34.94 18.55
CA ASP B 247 -34.79 -36.78 18.82
CA ALA B 248 -33.59 -39.98 20.57
CA HIS B 249 -33.87 -43.63 19.57
CA ALA B 250 -34.20 -46.82 21.64
CA LYS B 251 -30.62 -47.02 22.90
CA ARG B 252 -29.12 -43.83 21.49
CA GLN B 253 -29.27 -40.06 21.30
CA THR B 254 -27.14 -38.19 18.80
CA VAL B 255 -25.45 -35.16 20.34
CA VAL B 256 -24.26 -32.24 18.22
CA VAL B 257 -22.43 -29.01 19.05
CA LEU B 258 -23.60 -25.71 17.56
CA GLY B 259 -21.20 -23.65 15.46
CA SER B 260 -19.05 -20.69 16.48
CA GLN B 261 -21.16 -17.79 17.72
CA GLU B 262 -18.33 -15.30 17.17
CA GLY B 263 -19.96 -13.80 14.08
CA ALA B 264 -23.32 -13.53 15.83
CA VAL B 265 -21.74 -11.54 18.65
CA HIS B 266 -19.94 -9.36 16.09
CA THR B 267 -23.23 -8.50 14.40
CA ALA B 268 -24.91 -7.91 17.77
CA LEU B 269 -22.12 -5.47 18.63
CA ALA B 270 -22.49 -3.47 15.39
CA GLY B 271 -23.61 -0.38 17.29
CA ALA B 272 -21.53 -0.81 20.45
CA LEU B 273 -18.67 1.50 21.42
CA GLU B 274 -15.23 0.14 20.51
CA ALA B 275 -12.31 0.16 22.91
CA GLU B 276 -8.66 -0.80 23.04
CA MET B 277 -6.32 -2.42 25.53
CA ASP B 278 -2.68 -1.32 25.74
CA GLY B 279 -1.72 -2.88 27.91
CA ALA B 280 -3.22 -4.23 31.11
CA LYS B 281 -5.63 -1.29 31.25
CA GLY B 282 -8.63 -0.57 29.05
CA ARG B 283 -8.15 2.42 26.72
CA LEU B 284 -11.18 4.53 25.83
CA SER B 285 -11.69 6.03 22.36
CA SER B 286 -14.37 8.55 23.32
CA GLY B 287 -15.28 11.04 26.04
CA HIS B 288 -13.64 14.37 26.77
CA LEU B 289 -12.07 16.32 29.63
CA LYS B 290 -13.04 19.79 30.86
CA CYS B 291 -10.14 21.79 32.26
CA ARG B 292 -9.50 25.15 33.84
CA LEU B 293 -6.04 26.44 33.01
CA LYS B 294 -4.12 28.49 35.60
CA MET B 295 -1.66 30.69 33.73
CA ASP B 296 -0.58 33.46 36.12
CA LYS B 297 2.70 31.58 36.54
CA LEU B 298 3.20 31.17 32.80
CA ARG B 299 5.60 33.80 31.43
CA LEU B 300 8.13 34.76 28.75
CA LYS B 301 11.74 34.02 29.60
CA GLY B 302 13.49 36.98 31.21
CA VAL B 303 15.87 37.71 28.33
CA SER B 304 15.08 39.91 25.35
CA TYR B 305 17.07 39.60 22.11
CA SER B 306 18.18 41.92 19.31
CA LEU B 307 16.61 41.39 15.87
CA CYS B 308 18.26 38.98 13.45
CA THR B 309 20.01 41.19 10.88
CA ALA B 310 20.83 38.68 8.15
CA ALA B 311 18.75 37.19 5.34
CA PHE B 312 15.88 34.71 5.66
CA THR B 313 14.85 32.30 2.87
CA PHE B 314 11.95 29.85 2.57
CA THR B 315 12.85 26.20 2.93
CA LYS B 316 9.14 25.33 3.16
CA ILE B 317 6.88 27.77 1.29
CA PRO B 318 3.75 29.15 2.99
CA ALA B 319 1.00 26.55 3.29
CA GLU B 320 -2.55 27.07 4.51
CA THR B 321 -3.69 24.76 7.34
CA LEU B 322 -7.26 23.41 7.63
CA HIS B 323 -8.01 26.26 10.02
CA GLY B 324 -6.84 29.16 7.87
CA THR B 325 -3.52 29.64 9.66
CA VAL B 326 -0.30 29.63 7.62
CA THR B 327 2.84 27.63 8.25
CA VAL B 328 6.26 28.50 6.94
CA GLU B 329 9.79 27.19 7.29
CA VAL B 330 12.66 29.66 6.92
CA GLN B 331 16.44 29.32 6.81
CA TYR B 332 18.56 32.01 8.49
CA ALA B 333 21.91 32.86 6.85
CA GLY B 334 23.38 34.74 9.81
CA THR B 335 25.65 33.91 12.72
CA ASP B 336 24.32 36.41 15.26
CA GLY B 337 22.07 33.91 17.04
CA PRO B 338 20.43 33.97 19.44
CA CYS B 339 18.34 36.71 17.86
CA LYS B 340 14.69 37.73 17.50
CA VAL B 341 13.05 36.73 14.22
CA PRO B 342 11.52 39.76 12.50
CA ALA B 343 8.18 38.24 11.49
CA GLN B 344 4.86 39.92 10.81
CA MET B 345 2.06 40.55 8.42
CA ALA B 346 1.24 43.90 6.84
CA VAL B 347 -1.31 45.29 4.38
CA ASP B 348 0.88 48.31 3.66
CA MET B 349 4.51 47.57 2.76
CA GLN B 350 5.63 51.14 3.45
CA THR B 351 4.41 51.62 7.03
CA LEU B 352 4.68 47.91 7.91
CA THR B 353 2.11 48.27 10.68
CA PRO B 354 1.16 44.79 11.92
CA VAL B 355 -2.08 43.03 11.05
CA GLY B 356 -3.06 39.52 12.13
CA ARG B 357 -0.74 37.78 14.58
CA LEU B 358 1.88 35.09 15.15
CA ILE B 359 0.68 31.80 16.62
CA THR B 360 4.31 30.85 17.24
CA ALA B 361 4.82 34.01 19.24
CA ASN B 362 8.16 35.71 19.85
CA PRO B 363 10.23 33.48 17.55
CA VAL B 364 13.94 33.29 18.33
CA ILE B 365 16.79 31.83 16.28
CA THR B 366 18.74 30.00 18.98
CA GLU B 367 21.73 28.67 17.04
CA SER B 368 24.82 30.76 16.29
CA THR B 369 25.66 28.51 13.34
CA GLU B 370 24.82 29.47 9.76
CA ASN B 371 21.69 28.32 7.90
CA SER B 372 19.67 27.07 10.87
CA LYS B 373 15.98 26.45 10.15
CA MET B 374 12.77 27.44 11.88
CA MET B 375 9.02 26.92 11.48
CA LEU B 376 6.47 29.69 12.04
CA GLU B 377 2.69 29.72 12.25
CA LEU B 378 0.85 32.94 11.39
CA ASP B 379 -2.80 33.96 11.75
CA PRO B 380 -3.46 36.25 8.78
CA PRO B 381 -6.33 38.73 8.55
CA PHE B 382 -9.11 37.86 6.12
CA GLY B 383 -8.44 38.97 2.55
CA ASP B 384 -5.10 40.04 1.13
CA SER B 385 -1.98 40.70 3.19
CA TYR B 386 1.79 40.30 3.10
CA ILE B 387 3.89 37.89 5.12
CA VAL B 388 7.06 39.79 6.00
CA ILE B 389 10.08 37.95 7.38
CA GLY B 390 13.36 39.70 8.09
CA VAL B 391 14.41 43.35 7.76
CA GLY B 392 15.64 45.73 5.08
CA GLU B 393 16.46 44.78 1.50
CA LYS B 394 16.98 41.01 1.68
CA LYS B 395 13.70 40.54 3.49
CA ILE B 396 11.04 38.01 2.53
CA THR B 397 7.76 39.43 1.27
CA HIS B 398 5.09 36.87 0.36
CA HIS B 399 1.60 37.87 -0.75
CA TRP B 400 -1.13 35.94 1.03
CA HIS B 401 -4.84 35.50 0.35
CA ARG B 402 -7.11 34.25 3.15
CA SER B 403 -10.50 33.39 1.68
CA ILE C 1 24.33 47.16 -31.91
CA ARG C 2 21.09 46.18 -30.18
CA CYS C 3 17.38 46.81 -30.78
CA ILE C 4 17.68 48.66 -34.10
CA GLY C 5 16.03 45.68 -35.79
CA VAL C 6 13.27 45.05 -33.26
CA SER C 7 9.75 45.78 -34.43
CA ASN C 8 8.33 45.81 -30.92
CA ARG C 9 10.51 48.69 -29.74
CA ASP C 10 9.57 51.39 -27.24
CA PHE C 11 11.33 54.73 -26.97
CA VAL C 12 11.21 56.15 -23.45
CA GLU C 13 12.50 59.60 -22.61
CA GLY C 14 14.20 60.13 -19.25
CA MET C 15 13.23 63.53 -17.78
CA SER C 16 14.87 66.18 -15.55
CA GLY C 17 17.38 64.42 -13.36
CA GLY C 18 14.27 62.30 -13.06
CA THR C 19 16.06 59.30 -11.54
CA TRP C 20 13.37 56.83 -12.68
CA VAL C 21 11.18 55.72 -15.61
CA ASP C 22 8.47 53.09 -16.09
CA VAL C 23 9.16 50.41 -18.70
CA VAL C 24 7.25 47.46 -20.06
CA LEU C 25 9.36 44.45 -20.96
CA GLU C 26 7.92 42.04 -23.51
CA HIS C 27 9.56 38.95 -24.93
CA GLY C 28 11.27 39.67 -28.25
CA GLY C 29 10.94 43.34 -27.39
CA CYS C 30 13.22 46.21 -26.55
CA VAL C 31 12.99 49.42 -24.56
CA THR C 32 15.39 52.24 -25.54
CA VAL C 33 15.68 54.78 -22.72
CA MET C 34 17.19 58.20 -23.34
CA ALA C 35 17.84 61.03 -20.93
CA GLN C 36 19.76 64.30 -21.06
CA ASP C 37 23.30 63.85 -19.69
CA LYS C 38 22.84 60.07 -19.69
CA PRO C 39 24.08 57.28 -21.92
CA THR C 40 21.17 55.79 -23.86
CA VAL C 41 20.36 52.33 -22.52
CA ASP C 42 18.57 49.29 -23.94
CA ILE C 43 16.44 47.05 -21.70
CA GLU C 44 15.36 43.64 -23.04
CA LEU C 45 13.56 40.65 -21.56
CA VAL C 46 15.66 37.81 -22.95
CA THR C 47 14.22 34.65 -21.32
CA THR C 48 11.54 33.53 -18.91
CA THR C 49 12.13 30.17 -17.22
CA VAL C 50 10.50 27.86 -14.68
CA SER C 51 12.72 25.45 -12.76
CA ASN C 52 11.99 22.32 -10.68
CA MET C 53 8.68 21.51 -12.39
CA ALA C 54 7.14 18.49 -10.72
CA GLU C 55 5.36 15.49 -12.26
CA VAL C 56 1.63 15.35 -11.47
CA ARG C 57 0.22 12.84 -13.94
CA SER C 58 1.07 10.87 -17.06
CA TYR C 59 -1.45 9.85 -19.74
CA CYS C 60 -1.06 7.01 -22.22
CA TYR C 61 -2.05 8.11 -25.70
CA GLU C 62 -0.80 5.05 -27.52
CA ALA C 63 -1.14 1.50 -26.21
CA SER C 64 -0.79 -2.11 -27.32
CA ILE C 65 -2.12 -5.44 -26.03
CA SER C 66 -0.75 -8.95 -25.74
CA ASP C 67 -1.44 -12.28 -24.03
CA MET C 68 -5.16 -12.30 -24.75
CA ALA C 69 -6.94 -15.20 -23.10
CA SER C 70 -10.49 -16.24 -22.25
CA ASP C 71 -12.20 -18.62 -19.84
CA SER C 72 -15.82 -19.76 -19.82
CA ARG C 73 -18.28 -21.83 -17.79
CA CYS C 74 -21.66 -23.40 -18.57
CA PRO C 75 -24.69 -22.28 -16.57
CA THR C 76 -24.34 -23.63 -12.97
CA GLN C 77 -20.61 -24.29 -13.55
CA GLY C 78 -19.44 -21.26 -11.55
CA GLU C 79 -17.43 -18.14 -12.39
CA ALA C 80 -14.92 -18.14 -15.25
CA TYR C 81 -11.34 -17.70 -14.05
CA LEU C 82 -8.00 -16.58 -15.49
CA ASP C 83 -4.60 -16.30 -13.73
CA LYS C 84 -4.30 -12.68 -14.72
CA GLN C 85 -7.84 -11.50 -14.03
CA SER C 86 -7.02 -9.44 -10.91
CA ASP C 87 -3.47 -8.60 -12.04
CA THR C 88 -2.88 -4.84 -12.35
CA GLN C 89 -1.05 -5.01 -15.68
CA TYR C 90 -3.99 -6.78 -17.35
CA VAL C 91 -7.28 -5.32 -18.51
CA CYS C 92 -10.24 -7.68 -18.17
CA LYS C 93 -13.92 -7.91 -18.97
CA ARG C 94 -16.31 -10.34 -17.30
CA THR C 95 -19.67 -11.00 -18.90
CA LEU C 96 -22.58 -13.43 -19.30
CA VAL C 97 -23.31 -15.12 -22.64
CA ASP C 98 -25.92 -17.51 -24.08
CA ARG C 99 -25.04 -21.21 -23.72
CA GLY C 100 -26.81 -24.38 -24.80
CA TRP C 101 -26.46 -27.74 -26.55
CA GLY C 102 -25.07 -26.10 -29.66
CA ASN C 103 -21.94 -24.83 -27.88
CA GLY C 104 -21.11 -27.51 -25.34
CA CYS C 105 -23.50 -27.06 -22.40
CA GLY C 106 -26.28 -29.32 -21.13
CA LEU C 107 -28.42 -26.39 -19.97
CA PHE C 108 -29.78 -23.49 -22.00
CA GLY C 109 -28.85 -20.40 -20.01
CA LYS C 110 -26.28 -17.72 -19.18
CA GLY C 111 -22.73 -19.03 -19.00
CA SER C 112 -19.87 -17.04 -17.46
CA LEU C 113 -17.11 -15.59 -19.60
CA VAL C 114 -13.99 -13.60 -18.84
CA THR C 115 -11.44 -12.18 -21.25
CA CYS C 116 -8.10 -10.60 -20.34
CA ALA C 117 -5.22 -8.95 -22.16
CA LYS C 118 -1.90 -7.39 -21.14
CA PHE C 119 -1.78 -3.62 -21.41
CA ALA C 120 1.44 -1.82 -22.36
CA CYS C 121 1.79 1.88 -23.06
CA SER C 122 3.65 2.65 -26.29
CA LYS C 123 3.58 6.42 -25.85
CA LYS C 124 2.65 8.82 -23.04
CA MET C 125 2.48 12.52 -22.24
CA THR C 126 3.32 14.08 -18.85
CA GLY C 127 1.82 17.02 -16.97
CA LYS C 128 3.90 18.93 -14.42
CA SER C 129 3.13 21.53 -11.76
CA ILE C 130 4.86 24.88 -11.68
CA GLN C 131 5.62 27.04 -8.66
CA PRO C 132 5.95 30.88 -8.98
CA GLU C 133 8.86 30.67 -6.54
CA ASN C 134 10.81 28.98 -9.33
CA LEU C 135 9.93 31.54 -12.03
CA GLU C 136 12.91 33.53 -13.36
CA TYR C 137 13.15 36.55 -15.70
CA ARG C 138 16.48 37.15 -17.42
CA ILE C 139 16.90 40.78 -18.44
CA MET C 140 19.73 42.44 -20.36
CA LEU C 141 20.69 46.08 -19.86
CA SER C 142 23.22 47.61 -22.25
CA VAL C 143 24.67 50.96 -23.30
CA HIS C 144 23.10 51.76 -26.65
CA GLY C 145 26.00 52.20 -29.05
CA SER C 146 28.05 49.32 -27.70
CA GLU C 162 31.23 45.96 -19.15
CA ASN C 163 28.75 47.83 -21.35
CA ARG C 164 26.35 44.92 -20.95
CA ALA C 165 24.79 43.38 -17.85
CA LYS C 166 22.30 40.60 -17.29
CA VAL C 167 20.13 40.53 -14.18
CA GLU C 168 17.59 38.08 -12.86
CA ILE C 169 14.23 39.02 -11.46
CA THR C 170 12.11 36.56 -9.42
CA PRO C 171 8.72 36.87 -7.67
CA ASN C 172 10.58 36.71 -4.34
CA SER C 173 13.46 38.83 -5.59
CA PRO C 174 11.87 41.61 -7.72
CA ARG C 175 14.84 43.97 -7.22
CA ALA C 176 18.10 43.97 -9.10
CA GLU C 177 21.00 46.29 -9.83
CA ALA C 178 23.26 46.19 -12.87
CA THR C 179 26.71 47.75 -13.03
CA LEU C 180 27.75 49.18 -16.39
CA GLY C 181 31.36 49.94 -15.47
CA GLY C 182 32.21 53.50 -16.40
CA PHE C 183 28.60 54.58 -16.85
CA GLY C 184 27.66 53.77 -13.27
CA SER C 185 24.71 51.56 -12.44
CA LEU C 186 21.02 50.92 -13.03
CA GLY C 187 18.32 49.76 -10.66
CA LEU C 188 15.37 47.60 -11.73
CA ASP C 189 12.23 47.26 -9.60
CA CYS C 190 9.77 44.94 -11.28
CA GLU C 191 6.23 43.88 -10.42
CA PRO C 192 6.15 40.14 -11.26
CA ARG C 193 2.47 40.22 -10.24
CA THR C 194 1.91 41.99 -13.56
CA GLY C 195 3.53 39.06 -15.36
CA LEU C 196 2.38 35.53 -16.08
CA ASP C 197 -0.05 33.78 -13.74
CA PHE C 198 0.24 30.05 -12.95
CA SER C 199 -1.75 28.14 -10.31
CA ASP C 200 -4.33 27.11 -12.91
CA LEU C 201 -1.67 25.79 -15.28
CA TYR C 202 0.32 22.65 -15.97
CA TYR C 203 3.38 22.17 -18.15
CA LEU C 204 2.51 19.41 -20.62
CA THR C 205 5.03 17.47 -22.68
CA MET C 206 4.05 15.11 -25.48
CA ASN C 207 6.46 13.60 -27.99
CA ASN C 208 9.06 16.32 -27.39
CA LYS C 209 6.52 19.15 -27.81
CA HIS C 210 5.47 21.35 -24.88
CA TRP C 211 2.45 23.42 -23.83
CA LEU C 212 0.95 25.28 -20.89
CA VAL C 213 -2.56 23.97 -20.26
CA HIS C 214 -5.41 24.66 -17.85
CA LYS C 215 -5.66 22.24 -14.94
CA GLU C 216 -9.27 21.14 -15.26
CA TRP C 217 -8.95 20.21 -18.94
CA PHE C 218 -5.83 18.22 -18.14
CA HIS C 219 -7.65 16.55 -15.25
CA ASP C 220 -10.64 15.64 -17.46
CA ILE C 221 -8.67 13.85 -20.20
CA PRO C 222 -10.27 10.44 -20.90
CA LEU C 223 -7.04 8.46 -21.22
CA PRO C 224 -5.35 5.80 -19.13
CA TRP C 225 -3.20 7.49 -16.50
CA HIS C 226 -1.10 7.38 -13.37
CA ALA C 227 0.06 10.03 -10.90
CA GLY C 228 3.55 11.13 -10.08
CA ALA C 229 5.76 8.99 -11.20
CA ASP C 230 7.12 6.52 -10.21
CA THR C 231 9.88 3.86 -9.90
CA GLY C 232 8.37 0.45 -9.72
CA THR C 233 6.44 -0.61 -12.80
CA PRO C 234 3.65 1.85 -13.77
CA HIS C 235 0.06 0.78 -13.06
CA TRP C 236 -2.22 2.76 -15.43
CA ASN C 237 -5.73 3.57 -14.24
CA ASN C 238 -8.67 3.33 -16.62
CA LYS C 239 -6.94 1.14 -19.21
CA GLU C 240 -10.39 0.64 -20.74
CA ALA C 241 -10.03 4.13 -22.21
CA LEU C 242 -7.83 2.66 -24.95
CA VAL C 243 -9.01 -0.94 -24.91
CA GLU C 244 -12.41 -2.14 -26.00
CA PHE C 245 -14.06 -5.53 -25.94
CA LYS C 246 -16.35 -6.45 -28.76
CA ASP C 247 -18.97 -9.14 -29.20
CA ALA C 248 -19.08 -11.91 -26.56
CA HIS C 249 -19.07 -15.34 -28.17
CA ALA C 250 -19.70 -18.54 -26.17
CA LYS C 251 -16.08 -19.11 -25.21
CA ARG C 252 -14.26 -15.98 -26.45
CA GLN C 253 -14.35 -12.21 -26.75
CA THR C 254 -12.39 -10.08 -29.18
CA VAL C 255 -10.13 -7.46 -27.58
CA VAL C 256 -8.91 -4.50 -29.59
CA VAL C 257 -6.92 -1.32 -28.91
CA LEU C 258 -8.08 2.10 -30.03
CA GLY C 259 -5.76 4.09 -32.27
CA SER C 260 -3.30 6.77 -31.18
CA GLN C 261 -4.86 9.80 -29.51
CA GLU C 262 -1.84 11.97 -30.30
CA GLY C 263 -3.69 13.91 -32.97
CA ALA C 264 -6.81 14.36 -30.83
CA VAL C 265 -4.62 15.96 -28.18
CA HIS C 266 -2.88 18.12 -30.81
CA THR C 267 -6.29 19.35 -31.98
CA ALA C 268 -7.31 19.96 -28.38
CA LEU C 269 -4.18 22.05 -27.88
CA ALA C 270 -4.74 24.17 -31.00
CA GLY C 271 -5.21 27.19 -28.75
CA ALA C 272 -2.74 26.28 -25.95
CA LEU C 273 0.31 28.41 -25.14
CA GLU C 274 3.62 26.95 -26.35
CA ALA C 275 6.29 25.56 -25.34
CA GLU C 276 10.07 25.17 -25.17
CA MET C 277 12.11 23.03 -22.81
CA ASP C 278 15.76 23.66 -23.67
CA GLY C 279 17.09 22.82 -21.30
CA ALA C 280 16.13 20.99 -18.07
CA LYS C 281 14.02 24.07 -17.17
CA GLY C 282 10.80 25.13 -18.84
CA ARG C 283 11.24 28.14 -21.14
CA LEU C 284 8.24 30.41 -21.74
CA SER C 285 7.54 32.76 -24.62
CA SER C 286 4.67 35.16 -23.92
CA GLY C 287 6.48 37.55 -21.57
CA HIS C 288 5.17 40.58 -19.72
CA LEU C 289 6.93 42.58 -17.02
CA LYS C 290 6.19 46.05 -15.69
CA CYS C 291 9.32 47.55 -14.25
CA ARG C 292 10.76 50.70 -12.76
CA LEU C 293 14.19 51.77 -13.99
CA LYS C 294 16.12 53.74 -11.38
CA MET C 295 18.73 55.90 -13.16
CA ASP C 296 20.21 58.16 -10.47
CA LYS C 297 23.44 56.15 -10.51
CA LEU C 298 23.71 56.11 -14.33
CA ARG C 299 26.26 58.64 -15.61
CA LEU C 300 28.42 59.75 -18.52
CA LYS C 301 32.03 58.60 -18.10
CA GLY C 302 34.30 60.96 -16.15
CA VAL C 303 36.80 61.12 -19.02
CA SER C 304 36.42 63.70 -21.78
CA TYR C 305 37.88 63.23 -25.26
CA SER C 306 39.05 65.41 -28.13
CA LEU C 307 37.11 65.24 -31.39
CA CYS C 308 38.43 62.61 -33.83
CA THR C 309 40.63 64.34 -36.43
CA ALA C 310 40.91 61.76 -39.21
CA ALA C 311 38.49 60.69 -41.93
CA PHE C 312 35.25 58.76 -41.52
CA THR C 313 33.88 56.66 -44.40
CA PHE C 314 30.63 54.72 -44.81
CA THR C 315 30.93 50.96 -44.54
CA LYS C 316 27.16 50.72 -44.19
CA ILE C 317 25.25 53.53 -45.88
CA PRO C 318 22.40 55.31 -44.03
CA ALA C 319 19.34 53.10 -43.61
CA GLU C 320 15.90 53.85 -42.20
CA THR C 321 14.73 51.57 -39.38
CA LEU C 322 11.10 50.44 -38.95
CA HIS C 323 10.67 53.33 -36.55
CA GLY C 324 12.01 56.09 -38.77
CA THR C 325 15.39 56.43 -37.12
CA VAL C 326 18.50 56.11 -39.28
CA THR C 327 21.45 53.83 -38.74
CA VAL C 328 24.90 54.23 -40.18
CA GLU C 329 28.17 52.33 -39.98
CA VAL C 330 31.36 54.34 -40.34
CA GLN C 331 35.00 53.32 -40.50
CA TYR C 332 37.59 55.56 -38.82
CA ALA C 333 41.08 55.79 -40.33
CA GLY C 334 42.81 57.55 -37.45
CA THR C 335 44.96 56.34 -34.57
CA ASP C 336 44.13 59.13 -32.11
CA GLY C 337 41.48 57.05 -30.32
CA PRO C 338 39.77 57.10 -27.96
CA CYS C 339 38.05 60.17 -29.40
CA LYS C 340 34.68 61.87 -29.78
CA VAL C 341 32.93 61.22 -33.09
CA PRO C 342 31.83 64.51 -34.65
CA ALA C 343 28.25 63.57 -35.48
CA GLN C 344 25.17 65.72 -35.98
CA MET C 345 22.33 66.64 -38.26
CA ALA C 346 21.85 70.15 -39.74
CA VAL C 347 19.46 71.83 -42.17
CA ASP C 348 21.76 74.82 -42.77
CA MET C 349 25.28 73.72 -43.76
CA GLN C 350 26.61 77.23 -43.09
CA THR C 351 25.76 77.54 -39.41
CA LEU C 352 25.55 73.81 -38.59
CA THR C 353 23.04 74.33 -35.78
CA PRO C 354 22.09 70.83 -34.68
CA VAL C 355 18.65 69.46 -35.47
CA GLY C 356 17.10 66.15 -34.45
CA ARG C 357 19.15 64.08 -32.03
CA LEU C 358 21.43 61.09 -31.67
CA ILE C 359 19.96 57.92 -30.21
CA THR C 360 23.46 56.58 -29.80
CA ALA C 361 24.25 59.66 -27.73
CA ASN C 362 27.80 60.91 -27.20
CA PRO C 363 29.40 58.58 -29.76
CA VAL C 364 33.05 57.75 -29.09
CA ILE C 365 35.61 55.68 -30.98
CA THR C 366 37.10 53.52 -28.22
CA GLU C 367 39.80 51.80 -30.26
CA SER C 368 43.27 53.35 -30.39
CA THR C 369 44.04 51.47 -33.59
CA GLU C 370 43.23 52.34 -37.21
CA ASN C 371 40.20 51.56 -39.39
CA SER C 372 37.87 50.74 -36.51
CA LYS C 373 34.14 50.46 -37.23
CA MET C 374 31.24 52.04 -35.39
CA MET C 375 27.47 52.21 -35.75
CA LEU C 376 25.42 55.33 -35.08
CA GLU C 377 21.65 55.73 -34.66
CA LEU C 378 20.14 59.12 -35.51
CA ASP C 379 16.68 60.63 -34.98
CA PRO C 380 16.24 63.11 -37.84
CA PRO C 381 13.55 65.78 -38.07
CA PHE C 382 10.70 65.21 -40.54
CA GLY C 383 11.55 66.41 -44.04
CA ASP C 384 15.05 67.14 -45.23
CA SER C 385 18.28 67.32 -43.26
CA TYR C 386 21.99 66.57 -43.62
CA ILE C 387 23.79 63.88 -41.62
CA VAL C 388 27.27 65.26 -40.88
CA ILE C 389 30.04 63.01 -39.56
CA GLY C 390 33.64 64.08 -39.05
CA VAL C 391 35.09 67.60 -39.33
CA GLY C 392 36.86 69.63 -41.99
CA GLU C 393 37.05 68.90 -45.67
CA LYS C 394 36.96 65.10 -45.44
CA LYS C 395 33.74 65.09 -43.42
CA ILE C 396 30.73 63.06 -44.50
CA THR C 397 27.73 65.10 -45.57
CA HIS C 398 24.77 62.96 -46.52
CA HIS C 399 21.32 64.23 -47.45
CA TRP C 400 18.58 62.47 -45.50
CA HIS C 401 14.84 62.62 -46.21
CA ARG C 402 12.41 61.58 -43.46
CA SER C 403 9.04 60.98 -45.09
CA GLN D 1 37.10 56.28 22.04
CA VAL D 2 36.69 52.51 22.10
CA GLN D 3 39.50 50.97 24.05
CA LEU D 4 40.34 47.72 25.71
CA VAL D 5 43.10 47.31 28.26
CA GLU D 6 44.16 43.75 29.14
CA SER D 7 46.13 42.97 32.32
CA GLY D 8 47.11 40.49 35.02
CA GLY D 9 49.57 38.55 32.89
CA GLY D 10 52.98 37.45 34.04
CA VAL D 11 55.23 34.49 34.76
CA VAL D 12 53.35 31.60 36.35
CA GLN D 13 53.90 28.01 37.44
CA PRO D 14 52.61 25.17 35.22
CA GLY D 15 49.59 23.51 36.81
CA ARG D 16 48.56 26.68 38.68
CA SER D 17 45.99 29.41 38.13
CA LEU D 18 45.96 32.92 36.68
CA ARG D 19 43.17 35.49 36.25
CA LEU D 20 43.24 38.02 33.44
CA SER D 21 41.29 41.27 33.23
CA CYS D 22 40.17 43.35 30.29
CA ALA D 23 38.99 46.91 31.06
CA ALA D 24 36.54 48.54 28.67
CA SER D 25 36.01 52.28 27.86
CA GLY D 26 34.27 54.33 25.17
CA PHE D 27 31.05 52.18 24.72
CA THR D 28 28.29 50.31 26.57
CA PHE D 29 30.04 47.11 27.74
CA SER D 30 26.83 45.47 28.96
CA LYS D 31 25.31 45.25 25.49
CA TYR D 32 28.04 43.33 23.69
CA GLY D 33 29.52 39.86 23.32
CA MET D 34 33.32 39.71 24.30
CA HIS D 35 36.14 37.36 23.32
CA TRP D 36 39.55 36.14 24.40
CA VAL D 37 41.93 35.27 21.46
CA ARG D 38 45.47 34.34 22.03
CA GLN D 39 48.70 34.25 20.08
CA ALA D 40 51.57 31.88 20.98
CA PRO D 41 54.97 33.45 20.07
CA GLY D 42 55.66 32.94 16.38
CA LYS D 43 52.25 31.41 15.63
CA GLY D 44 48.92 32.55 14.15
CA LEU D 45 45.80 33.67 16.03
CA GLU D 46 43.87 31.21 18.19
CA TRP D 47 40.34 31.77 19.47
CA VAL D 48 39.95 30.96 23.17
CA ALA D 49 36.51 31.89 24.50
CA VAL D 50 33.38 34.08 24.14
CA ILE D 51 30.79 35.37 26.61
CA SER D 52 27.35 36.85 25.77
CA TYR D 53 26.29 40.36 26.80
CA GLU D 54 24.57 39.06 29.96
CA GLY D 55 26.85 36.09 30.71
CA SER D 56 24.18 33.54 29.85
CA ASN D 57 26.27 31.98 27.12
CA LYS D 58 29.86 30.88 27.42
CA TYR D 59 31.76 28.87 24.79
CA TYR D 60 35.25 27.49 24.96
CA ALA D 61 37.88 26.20 22.56
CA ASP D 62 38.24 22.45 23.03
CA SER D 63 41.82 22.83 24.23
CA VAL D 64 40.83 25.07 27.17
CA LYS D 65 37.28 23.89 27.89
CA GLY D 66 37.39 22.39 31.36
CA ARG D 67 40.30 24.51 32.52
CA PHE D 68 39.38 28.08 31.59
CA THR D 69 36.29 29.94 32.82
CA ILE D 70 35.14 33.15 31.13
CA SER D 71 33.09 35.76 33.03
CA ARG D 72 32.15 39.47 33.11
CA ASP D 73 31.02 42.18 35.57
CA ASN D 74 28.95 44.61 33.47
CA SER D 75 28.87 46.92 36.45
CA LYS D 76 32.64 47.44 36.07
CA ASN D 77 32.73 47.14 32.28
CA THR D 78 35.36 44.44 32.75
CA LEU D 79 35.88 41.12 30.98
CA TYR D 80 37.57 38.29 32.88
CA LEU D 81 39.33 35.03 32.08
CA GLN D 82 40.03 32.61 34.93
CA MET D 83 42.77 30.20 33.83
CA ASN D 84 43.21 26.99 35.80
CA SER D 85 45.63 24.08 35.35
CA LEU D 86 47.90 26.20 33.23
CA ARG D 87 49.79 24.38 30.52
CA ALA D 88 52.97 25.50 28.74
CA GLU D 89 50.82 25.45 25.60
CA ASP D 90 48.88 28.32 27.20
CA THR D 91 51.91 30.64 26.99
CA ALA D 92 50.80 33.52 24.77
CA VAL D 93 49.80 37.14 24.40
CA TYR D 94 46.14 37.26 25.47
CA TYR D 95 43.75 39.59 23.66
CA CYS D 96 40.17 40.66 24.34
CA ALA D 97 37.83 42.06 21.74
CA LYS D 98 34.12 42.79 21.34
CA SER D 99 31.81 41.71 18.71
CA GLY D 100 29.93 45.00 19.01
CA THR D 101 29.68 47.19 15.66
CA GLN D 102 28.55 50.52 17.13
CA TYR D 103 30.65 53.50 18.17
CA TYR D 104 32.50 53.25 14.86
CA ASP D 105 31.16 56.38 13.20
CA THR D 106 34.22 58.30 14.37
CA THR D 107 36.99 58.35 11.77
CA GLY D 108 40.50 59.03 13.06
CA TYR D 109 39.92 58.53 16.79
CA GLU D 110 41.62 61.41 18.60
CA TYR D 111 43.62 59.65 21.30
CA ARG D 112 47.33 58.86 21.48
CA GLY D 113 48.09 58.73 17.75
CA LEU D 114 48.06 54.93 17.54
CA GLU D 115 47.33 53.27 14.20
CA TYR D 116 45.46 50.32 15.68
CA PHE D 117 42.49 51.27 17.85
CA GLY D 118 38.76 50.86 18.42
CA TYR D 119 38.62 47.09 18.06
CA TRP D 120 41.41 45.10 19.74
CA GLY D 121 43.21 45.61 23.03
CA GLN D 122 47.02 45.65 23.08
CA GLY D 123 47.31 42.31 24.85
CA THR D 124 48.71 40.87 28.07
CA LEU D 125 51.67 38.43 28.03
CA VAL D 126 51.25 35.15 29.86
CA THR D 127 54.33 33.06 30.48
CA VAL D 128 53.77 29.54 31.84
CA SER D 129 57.20 28.42 32.94
CA GLU E 1 34.98 23.12 13.85
CA ILE E 2 35.39 25.03 10.60
CA VAL E 3 38.99 24.99 9.43
CA LEU E 4 40.49 27.93 7.55
CA THR E 5 43.46 27.50 5.23
CA GLN E 6 45.27 30.59 3.98
CA SER E 7 47.77 30.58 1.11
CA PRO E 8 50.45 31.40 0.23
CA GLY E 9 52.20 30.99 3.57
CA THR E 10 54.42 33.92 2.61
CA LEU E 11 53.99 36.38 -0.25
CA SER E 12 56.81 38.61 -1.46
CA LEU E 13 55.65 41.52 -3.61
CA SER E 14 57.11 44.95 -4.24
CA PRO E 15 55.53 48.28 -3.28
CA GLY E 16 52.94 49.31 -5.83
CA GLU E 17 52.02 45.73 -6.69
CA ARG E 18 48.61 44.07 -6.49
CA ALA E 19 48.19 41.41 -3.82
CA THR E 20 45.63 38.65 -3.73
CA LEU E 21 45.27 36.59 -0.56
CA SER E 22 42.95 33.56 -0.21
CA CYS E 23 41.20 31.84 2.69
CA ARG E 24 39.36 28.53 2.05
CA ALA E 25 36.99 26.83 4.50
CA SER E 26 36.74 23.10 5.25
CA GLN E 27 32.96 23.48 5.10
CA SER E 28 30.38 26.04 4.09
CA VAL E 29 30.43 29.17 6.20
CA SER E 30 26.88 30.34 6.88
CA SER E 31 25.98 33.62 5.13
CA SER E 32 29.62 34.31 4.20
CA TYR E 33 30.31 35.09 7.84
CA LEU E 34 34.06 35.69 7.41
CA ALA E 35 36.37 38.54 8.48
CA TRP E 36 39.93 39.66 7.72
CA TYR E 37 42.55 41.12 10.07
CA GLN E 38 45.93 42.82 9.75
CA GLN E 39 48.68 42.38 12.31
CA LYS E 40 52.03 44.14 12.47
CA ARG E 41 55.06 42.93 14.49
CA GLY E 42 54.45 43.41 18.20
CA GLN E 43 50.96 44.79 17.67
CA ALA E 44 47.32 43.84 18.21
CA PRO E 45 45.25 42.62 15.25
CA ARG E 46 43.27 45.27 13.39
CA LEU E 47 39.90 44.65 11.77
CA LEU E 48 40.07 45.06 7.99
CA ILE E 49 36.99 43.41 6.47
CA TYR E 50 33.77 42.23 8.13
CA ASP E 51 30.71 40.58 6.63
CA ALA E 52 32.83 39.20 3.72
CA SER E 53 33.24 42.42 1.86
CA SER E 54 32.61 45.42 4.01
CA ARG E 55 35.59 47.63 4.92
CA ALA E 56 36.05 48.56 8.68
CA THR E 57 36.17 52.35 9.58
CA GLY E 58 39.20 53.94 8.11
CA ILE E 59 40.34 51.09 5.84
CA PRO E 60 41.59 52.45 2.42
CA ASP E 61 39.62 51.83 -0.74
CA ARG E 62 42.47 49.75 -2.21
CA PHE E 63 41.29 46.93 0.06
CA SER E 64 38.40 44.70 -1.02
CA GLY E 65 37.13 41.31 0.06
CA SER E 66 35.16 38.80 -2.00
CA GLY E 67 34.20 35.16 -1.74
CA SER E 68 31.28 32.78 -1.30
CA GLY E 69 30.57 29.53 0.49
CA THR E 70 34.06 28.24 1.20
CA ASP E 71 36.35 30.28 -1.03
CA PHE E 72 37.16 33.83 0.00
CA THR E 73 39.83 36.32 -1.01
CA LEU E 74 41.24 39.69 0.08
CA THR E 75 42.80 41.90 -2.56
CA ILE E 76 44.96 44.98 -2.34
CA SER E 77 45.02 46.90 -5.60
CA ARG E 78 48.34 48.57 -4.85
CA LEU E 79 50.64 47.71 -1.95
CA GLU E 80 51.56 50.77 0.14
CA PRO E 81 54.33 50.74 2.81
CA GLU E 82 51.77 50.41 5.62
CA ASP E 83 50.27 47.35 3.96
CA PHE E 84 53.23 45.05 4.60
CA ALA E 85 52.13 42.88 7.53
CA VAL E 86 50.41 39.58 8.37
CA TYR E 87 46.85 38.97 7.24
CA TYR E 88 44.38 36.58 8.87
CA CYS E 89 40.92 35.38 8.04
CA GLN E 90 38.31 34.42 10.62
CA GLN E 91 34.95 32.63 10.38
CA TYR E 92 31.98 33.19 12.70
CA GLY E 93 29.39 31.04 10.90
CA ARG E 94 29.69 28.24 13.45
CA SER E 95 31.27 27.60 16.91
CA ARG E 96 34.10 27.12 17.60
CA TRP E 97 35.14 30.35 15.99
CA THR E 98 38.49 30.02 14.18
CA PHE E 99 41.27 31.97 12.49
CA GLY E 100 43.34 31.07 9.41
CA GLN E 101 47.06 30.26 9.73
CA GLY E 102 47.93 33.71 8.39
CA THR E 103 49.77 35.01 5.31
CA LYS E 104 52.85 37.21 5.50
CA VAL E 105 53.18 39.92 2.86
CA GLU E 106 56.89 40.60 2.53
CA ILE E 107 58.78 43.26 0.59
CA LYS E 108 60.29 41.71 -2.52
CA GLN F 1 53.36 75.15 -27.25
CA VAL F 2 53.13 71.41 -27.76
CA GLN F 3 56.44 69.82 -26.97
CA LEU F 4 57.84 66.43 -26.22
CA VAL F 5 61.24 65.86 -24.63
CA GLU F 6 62.64 62.30 -24.74
CA SER F 7 65.46 61.20 -22.41
CA GLY F 8 67.26 58.41 -20.59
CA GLY F 9 69.08 57.06 -23.62
CA GLY F 10 72.72 56.09 -23.67
CA VAL F 11 75.19 53.27 -24.14
CA VAL F 12 73.96 50.01 -22.65
CA GLN F 13 74.93 46.35 -22.42
CA PRO F 14 73.18 43.80 -24.67
CA GLY F 15 70.79 41.65 -22.64
CA ARG F 16 70.23 44.37 -20.02
CA SER F 17 67.51 46.92 -19.34
CA LEU F 18 66.94 50.60 -20.07
CA ARG F 19 64.03 52.95 -19.23
CA LEU F 20 63.20 55.89 -21.46
CA SER F 21 61.15 58.96 -20.53
CA CYS F 22 59.15 61.38 -22.64
CA ALA F 23 58.12 64.65 -20.93
CA ALA F 24 55.02 66.43 -22.23
CA SER F 25 54.13 70.17 -22.17
CA GLY F 26 51.62 72.48 -23.88
CA PHE F 27 48.50 70.15 -23.79
CA THR F 28 46.44 67.77 -21.62
CA PHE F 29 48.59 64.60 -21.58
CA SER F 30 45.92 62.50 -19.84
CA LYS F 31 43.48 62.72 -22.74
CA TYR F 32 45.66 61.36 -25.53
CA GLY F 33 47.11 58.14 -26.93
CA MET F 34 51.02 58.17 -27.06
CA HIS F 35 53.54 56.26 -29.19
CA TRP F 36 57.16 55.19 -29.32
CA VAL F 37 58.62 55.02 -32.92
CA ARG F 38 62.21 54.33 -33.51
CA GLN F 39 64.76 54.83 -36.27
CA ALA F 40 67.86 52.62 -36.63
CA PRO F 41 70.79 54.61 -38.14
CA GLY F 42 70.41 54.77 -41.89
CA LYS F 43 66.99 53.06 -41.94
CA GLY F 44 63.34 54.15 -42.22
CA LEU F 45 60.84 54.67 -39.39
CA GLU F 46 59.70 51.72 -37.27
CA TRP F 47 56.67 51.77 -34.99
CA VAL F 48 57.39 50.34 -31.53
CA ALA F 49 54.43 50.74 -29.16
CA VAL F 50 51.25 52.66 -28.25
CA ILE F 51 49.43 53.31 -24.98
CA SER F 52 45.84 54.59 -24.54
CA TYR F 53 44.99 57.79 -22.65
CA GLU F 54 44.30 55.85 -19.43
CA GLY F 55 46.80 53.00 -19.88
CA SER F 56 44.10 50.40 -20.41
CA ASN F 57 45.38 49.49 -23.86
CA LYS F 58 48.94 48.68 -24.76
CA TYR F 59 50.09 47.30 -28.12
CA TYR F 60 53.53 46.22 -29.17
CA ALA F 61 55.41 45.57 -32.40
CA ASP F 62 56.04 41.83 -32.73
CA SER F 63 59.79 42.33 -32.50
CA VAL F 64 59.60 43.98 -29.06
CA LYS F 65 56.45 42.38 -27.62
CA GLY F 66 57.60 40.36 -24.63
CA ARG F 67 60.65 42.51 -23.95
CA PHE F 68 59.36 46.09 -23.93
CA THR F 69 56.68 47.45 -21.59
CA ILE F 70 54.97 50.78 -22.29
CA SER F 71 53.44 52.85 -19.46
CA ARG F 72 52.44 56.40 -18.47
CA ASP F 73 51.96 58.58 -15.34
CA ASN F 74 49.28 61.12 -16.32
CA SER F 75 49.97 62.90 -13.07
CA LYS F 76 53.44 63.80 -14.37
CA ASN F 77 52.46 64.13 -18.02
CA THR F 78 55.22 61.62 -18.78
CA LEU F 79 55.33 58.70 -21.20
CA TYR F 80 57.60 55.76 -20.38
CA LEU F 81 59.18 52.84 -22.20
CA GLN F 82 60.76 50.07 -20.14
CA MET F 83 63.16 48.11 -22.37
CA ASN F 84 64.27 44.67 -21.20
CA SER F 85 66.57 42.10 -22.82
CA LEU F 86 68.05 44.73 -25.07
CA ARG F 87 69.16 43.55 -28.48
CA ALA F 88 71.65 45.21 -30.83
CA GLU F 89 68.71 45.48 -33.21
CA ASP F 90 67.19 47.87 -30.65
CA THR F 91 69.94 50.45 -31.28
CA ALA F 92 68.13 53.54 -32.54
CA VAL F 93 66.93 57.08 -31.95
CA TYR F 94 63.72 56.69 -29.92
CA TYR F 95 60.83 59.07 -30.56
CA CYS F 96 57.56 59.69 -28.73
CA ALA F 97 54.52 61.29 -30.30
CA LYS F 98 50.83 61.74 -29.53
CA SER F 99 47.91 60.91 -31.57
CA GLY F 100 46.06 63.93 -30.17
CA THR F 101 44.78 66.60 -32.87
CA GLN F 102 43.99 69.53 -30.58
CA TYR F 103 46.18 72.48 -29.63
CA TYR F 104 47.03 72.94 -33.31
CA ASP F 105 45.14 76.17 -33.95
CA THR F 106 48.34 78.13 -33.33
CA THR F 107 50.24 78.84 -36.54
CA GLY F 108 53.94 79.61 -36.16
CA TYR F 109 54.48 78.45 -32.57
CA GLU F 110 56.51 81.16 -30.82
CA TYR F 111 59.27 79.16 -29.13
CA ARG F 112 62.90 78.68 -30.14
CA GLY F 113 62.57 79.22 -33.88
CA LEU F 114 62.62 75.52 -34.75
CA GLU F 115 61.02 74.36 -38.01
CA TYR F 116 59.78 71.05 -36.62
CA PHE F 117 57.52 71.38 -33.59
CA GLY F 118 54.12 70.56 -32.10
CA TYR F 119 54.03 66.89 -33.08
CA TRP F 120 57.26 64.91 -32.63
CA GLY F 121 59.90 65.04 -29.91
CA GLN F 122 63.56 65.41 -30.90
CA GLY F 123 64.48 61.87 -29.92
CA THR F 124 66.79 60.05 -27.53
CA LEU F 125 69.71 57.92 -28.81
CA VAL F 126 69.96 54.36 -27.56
CA THR F 127 73.16 52.47 -28.20
CA VAL F 128 73.15 48.75 -27.39
CA SER F 129 76.79 47.77 -27.50
CA GLU G 1 50.27 43.71 -40.37
CA ILE G 2 49.66 46.14 -43.21
CA VAL G 3 52.77 46.61 -45.32
CA LEU G 4 53.55 49.93 -46.98
CA THR G 5 55.75 50.15 -50.05
CA GLN G 6 57.00 53.54 -51.18
CA SER G 7 58.58 54.22 -54.58
CA PRO G 8 60.87 55.40 -56.00
CA GLY G 9 63.52 54.62 -53.39
CA THR G 10 65.26 57.84 -54.39
CA LEU G 11 63.92 60.68 -56.53
CA SER G 12 66.19 63.32 -58.05
CA LEU G 13 64.36 66.43 -59.23
CA SER G 14 65.44 70.04 -59.62
CA PRO G 15 64.07 73.00 -57.67
CA GLY G 16 60.82 74.20 -59.18
CA GLU G 17 59.83 70.74 -60.39
CA ARG G 18 56.70 68.79 -59.56
CA ALA G 19 57.17 65.69 -57.40
CA THR G 20 54.84 62.74 -57.10
CA LEU G 21 55.48 60.17 -54.38
CA SER G 22 53.47 56.93 -53.96
CA CYS G 23 52.70 54.62 -51.06
CA ARG G 24 50.88 51.32 -51.74
CA ALA G 25 49.37 49.04 -49.09
CA SER G 26 49.49 45.22 -48.99
CA GLN G 27 45.82 45.29 -48.02
CA SER G 28 42.95 47.75 -47.80
CA VAL G 29 43.48 50.48 -45.26
CA SER G 30 40.24 51.20 -43.44
CA SER G 31 38.75 54.65 -44.24
CA SER G 32 41.94 55.79 -46.00
CA TYR G 33 43.61 56.03 -42.60
CA LEU G 34 47.06 57.01 -43.94
CA ALA G 35 49.46 59.84 -43.05
CA TRP G 36 52.61 61.39 -44.55
CA TYR G 37 55.73 62.67 -42.77
CA GLN G 38 58.82 64.68 -43.71
CA GLN G 39 62.19 64.09 -42.12
CA LYS G 40 65.39 66.08 -42.58
CA ARG G 41 68.92 64.83 -41.72
CA GLY G 42 69.37 64.65 -37.96
CA GLN G 43 65.82 65.78 -37.25
CA ALA G 44 62.53 64.44 -35.92
CA PRO G 45 59.75 63.55 -38.36
CA ARG G 46 57.22 66.27 -39.10
CA LEU G 47 53.56 65.63 -39.82
CA LEU G 48 52.62 66.65 -43.35
CA ILE G 49 49.30 65.01 -44.24
CA TYR G 50 46.74 63.31 -42.00
CA ASP G 51 43.43 61.67 -42.88
CA ALA G 52 44.70 60.95 -46.46
CA SER G 53 44.43 64.46 -47.75
CA SER G 54 44.32 67.00 -45.00
CA ARG G 55 47.35 69.30 -44.56
CA ALA G 56 48.83 69.64 -40.97
CA THR G 57 49.05 73.23 -39.48
CA GLY G 58 51.49 75.30 -41.40
CA ILE G 59 52.03 72.96 -44.38
CA PRO G 60 52.19 74.95 -47.71
CA ASP G 61 49.43 74.69 -50.26
CA ARG G 62 51.82 73.13 -52.80
CA PHE G 63 51.45 69.89 -50.85
CA SER G 64 48.46 67.62 -51.47
CA GLY G 65 47.68 64.00 -50.72
CA SER G 66 45.31 61.70 -52.56
CA GLY G 67 44.60 57.98 -52.72
CA SER G 68 42.01 55.32 -51.93
CA GLY G 69 41.99 51.78 -50.63
CA THR G 70 45.57 50.69 -51.15
CA ASP G 71 47.05 53.27 -53.51
CA PHE G 72 47.98 56.66 -52.13
CA THR G 73 50.15 59.50 -53.36
CA LEU G 74 51.68 62.76 -52.11
CA THR G 75 52.35 65.51 -54.64
CA ILE G 76 54.35 68.68 -54.47
CA SER G 77 53.40 71.10 -57.22
CA ARG G 78 56.74 72.91 -57.13
CA LEU G 79 59.80 71.80 -55.17
CA GLU G 80 61.16 74.55 -52.90
CA PRO G 81 64.57 74.33 -51.14
CA GLU G 82 62.95 73.33 -47.85
CA ASP G 83 61.15 70.45 -49.55
CA PHE G 84 64.24 68.35 -50.18
CA ALA G 85 64.12 65.65 -47.50
CA VAL G 86 62.84 62.12 -46.83
CA TYR G 87 59.13 61.39 -47.02
CA TYR G 88 57.32 58.57 -45.24
CA CYS G 89 53.81 57.21 -45.29
CA GLN G 90 52.10 55.61 -42.30
CA GLN G 91 48.88 53.62 -41.94
CA TYR G 92 46.69 53.53 -38.83
CA GLY G 93 43.76 51.47 -40.20
CA ARG G 94 44.89 48.33 -38.38
CA SER G 95 47.41 47.28 -35.66
CA ARG G 96 50.34 46.95 -35.87
CA TRP G 97 50.75 50.48 -37.09
CA THR G 98 53.45 50.74 -39.79
CA PHE G 99 55.55 53.17 -41.80
CA GLY G 100 56.68 52.97 -45.43
CA GLN G 101 60.37 52.43 -46.30
CA GLY G 102 60.69 56.13 -47.19
CA THR G 103 61.52 58.07 -50.36
CA LYS G 104 64.45 60.48 -50.64
CA VAL G 105 63.90 63.59 -52.73
CA GLU G 106 67.33 64.63 -53.93
CA ILE G 107 68.49 67.73 -55.81
CA LYS G 108 69.11 66.84 -59.45
CA GLN H 1 -56.85 -101.93 14.12
CA VAL H 2 -54.20 -99.63 12.71
CA GLN H 3 -52.32 -101.40 9.99
CA LEU H 4 -50.03 -100.58 7.13
CA VAL H 5 -49.28 -102.96 4.28
CA GLU H 6 -46.34 -102.09 2.01
CA SER H 7 -45.95 -103.66 -1.45
CA GLY H 8 -44.57 -103.47 -4.97
CA GLY H 9 -41.00 -104.33 -4.06
CA GLY H 10 -38.85 -106.77 -5.96
CA VAL H 11 -35.69 -107.21 -8.00
CA VAL H 12 -35.06 -104.26 -10.31
CA GLN H 13 -32.43 -102.97 -12.73
CA PRO H 14 -30.07 -100.18 -11.60
CA GLY H 15 -30.96 -96.90 -13.30
CA ARG H 16 -34.63 -97.87 -13.70
CA SER H 17 -37.84 -97.06 -11.86
CA LEU H 18 -39.99 -98.72 -9.20
CA ARG H 19 -43.23 -97.64 -7.50
CA LEU H 20 -44.06 -98.74 -3.97
CA SER H 21 -47.47 -98.76 -2.32
CA CYS H 22 -48.52 -98.61 1.31
CA ALA H 23 -52.15 -99.53 2.08
CA ALA H 24 -53.75 -98.06 5.20
CA SER H 25 -56.57 -99.48 7.41
CA GLY H 26 -58.00 -98.81 10.87
CA PHE H 27 -57.85 -94.92 10.87
CA THR H 28 -58.54 -91.78 8.82
CA PHE H 29 -55.64 -91.72 6.33
CA SER H 30 -56.49 -88.27 4.99
CA LYS H 31 -55.77 -86.52 8.30
CA TYR H 32 -52.21 -87.67 8.88
CA GLY H 33 -48.63 -87.08 7.73
CA MET H 34 -46.96 -90.31 6.30
CA HIS H 35 -43.32 -91.40 5.97
CA TRP H 36 -41.04 -93.77 4.09
CA VAL H 37 -38.03 -95.03 6.17
CA ARG H 38 -35.71 -97.61 4.86
CA GLN H 39 -33.23 -100.12 6.21
CA ALA H 40 -30.29 -101.41 4.13
CA PRO H 41 -29.40 -105.02 5.13
CA GLY H 42 -27.24 -104.99 8.24
CA LYS H 43 -27.52 -101.22 8.77
CA GLY H 44 -29.54 -98.85 10.98
CA LEU H 45 -32.72 -96.96 10.07
CA GLU H 46 -32.66 -94.25 7.40
CA TRP H 47 -35.40 -91.67 6.88
CA VAL H 48 -36.40 -91.28 3.22
CA ALA H 49 -39.39 -88.98 2.79
CA VAL H 50 -42.54 -87.42 4.33
CA ILE H 51 -45.80 -86.14 2.87
CA SER H 52 -48.39 -83.91 4.62
CA TYR H 53 -52.03 -84.94 5.12
CA GLU H 54 -53.12 -83.11 1.94
CA GLY H 55 -49.96 -83.57 -0.15
CA SER H 56 -49.05 -79.90 0.02
CA ASN H 57 -45.72 -80.59 1.69
CA LYS H 58 -43.15 -83.10 0.55
CA TYR H 59 -39.63 -83.40 1.98
CA TYR H 60 -36.84 -85.67 0.87
CA ALA H 61 -33.58 -86.99 2.26
CA ASP H 62 -30.69 -85.39 0.37
CA SER H 63 -29.61 -88.74 -1.04
CA VAL H 64 -32.96 -89.35 -2.76
CA LYS H 65 -34.15 -85.80 -3.43
CA GLY H 66 -34.28 -85.45 -7.20
CA ARG H 67 -34.86 -89.14 -7.84
CA PHE H 68 -37.71 -90.11 -5.52
CA THR H 69 -41.20 -88.58 -5.56
CA ILE H 70 -43.61 -89.11 -2.66
CA SER H 71 -47.39 -88.91 -3.18
CA ARG H 72 -50.75 -90.06 -1.74
CA ASP H 73 -54.35 -90.75 -2.83
CA ASN H 74 -56.48 -90.04 0.26
CA SER H 75 -59.43 -91.48 -1.60
CA LYS H 76 -57.75 -94.91 -1.52
CA ASN H 77 -56.01 -94.46 1.83
CA THR H 78 -52.78 -95.32 0.06
CA LEU H 79 -49.28 -93.88 0.37
CA TYR H 80 -46.98 -94.01 -2.65
CA LEU H 81 -43.26 -93.74 -3.36
CA GLN H 82 -42.14 -93.35 -6.96
CA MET H 83 -38.45 -94.31 -7.20
CA ASN H 84 -36.53 -93.21 -10.28
CA SER H 85 -32.87 -93.71 -11.25
CA LEU H 86 -32.52 -96.53 -8.79
CA ARG H 87 -29.10 -96.93 -7.22
CA ALA H 88 -27.65 -100.02 -5.56
CA GLU H 89 -27.52 -97.88 -2.43
CA ASP H 90 -31.33 -97.88 -2.59
CA THR H 91 -31.46 -101.64 -1.89
CA ALA H 92 -33.39 -101.97 1.36
CA VAL H 93 -36.55 -102.97 3.18
CA TYR H 94 -38.94 -100.03 2.70
CA TYR H 95 -41.25 -99.04 5.54
CA CYS H 96 -44.17 -96.63 5.76
CA ALA H 97 -45.45 -95.12 8.97
CA LYS H 98 -47.76 -92.31 10.07
CA SER H 99 -47.12 -89.54 12.37
CA GLY H 100 -50.73 -89.68 13.56
CA THR H 101 -51.25 -90.28 17.49
CA GLN H 102 -54.94 -91.19 17.54
CA TYR H 103 -56.56 -94.63 17.44
CA TYR H 104 -54.15 -95.76 20.15
CA ASP H 105 -56.60 -96.09 23.03
CA THR H 106 -56.95 -99.80 22.28
CA THR H 107 -54.56 -101.92 24.35
CA GLY H 108 -53.78 -105.37 22.98
CA TYR H 109 -55.11 -104.99 19.43
CA GLU H 110 -57.15 -108.10 18.65
CA TYR H 111 -55.80 -109.15 15.25
CA ARG H 112 -53.35 -111.89 14.33
CA GLY H 113 -51.43 -112.11 17.60
CA LEU H 114 -48.46 -110.08 16.38
CA GLU H 115 -46.29 -108.28 18.92
CA TYR H 116 -45.54 -105.30 16.68
CA PHE H 117 -48.63 -103.48 15.41
CA GLY H 118 -50.45 -100.17 15.20
CA TYR H 119 -47.50 -98.05 14.14
CA TRP H 120 -45.17 -99.54 11.50
CA GLY H 121 -45.91 -101.65 8.43
CA GLN H 122 -44.00 -104.91 7.94
CA GLY H 123 -41.96 -103.59 5.02
CA THR H 124 -41.37 -104.35 1.35
CA LEU H 125 -37.97 -105.59 0.10
CA VAL H 126 -36.37 -103.70 -2.77
CA THR H 127 -33.42 -105.29 -4.50
CA VAL H 128 -31.53 -103.12 -7.01
CA SER H 129 -29.32 -105.55 -8.86
CA GLU I 1 -29.37 -82.09 9.46
CA ILE I 2 -29.37 -83.11 13.11
CA VAL I 3 -27.04 -86.03 13.73
CA LEU I 4 -27.80 -88.65 16.37
CA THR I 5 -25.06 -90.72 17.96
CA GLN I 6 -26.03 -93.74 20.04
CA SER I 7 -23.64 -95.58 22.36
CA PRO I 8 -22.54 -98.20 23.15
CA GLY I 9 -22.61 -99.79 19.71
CA THR I 10 -23.35 -103.11 21.40
CA LEU I 11 -24.36 -103.74 25.01
CA SER I 12 -24.15 -107.17 26.61
CA LEU I 13 -26.16 -107.49 29.82
CA SER I 14 -27.80 -110.46 31.51
CA PRO I 15 -31.53 -110.95 32.06
CA GLY I 16 -32.67 -109.03 35.12
CA GLU I 17 -30.07 -106.31 34.69
CA ARG I 18 -30.63 -102.58 34.30
CA ALA I 19 -29.82 -101.09 30.91
CA THR I 20 -29.06 -97.49 30.10
CA LEU I 21 -28.88 -96.42 26.46
CA SER I 22 -27.88 -92.91 25.30
CA CYS I 23 -28.57 -90.81 22.21
CA ARG I 24 -26.74 -87.47 21.78
CA ALA I 25 -27.60 -84.80 19.19
CA SER I 26 -25.15 -82.73 17.13
CA GLN I 27 -27.32 -79.71 17.88
CA SER I 28 -30.24 -78.74 20.10
CA VAL I 29 -33.42 -80.63 19.33
CA SER I 30 -36.39 -78.28 19.59
CA SER I 31 -38.71 -79.07 22.54
CA SER I 32 -37.01 -82.42 23.19
CA TYR I 33 -38.64 -83.77 20.05
CA LEU I 34 -37.02 -87.22 20.20
CA ALA I 35 -38.41 -90.76 20.01
CA TRP I 36 -37.16 -94.30 20.68
CA TYR I 37 -37.84 -97.50 18.74
CA GLN I 38 -37.27 -101.23 19.25
CA GLN I 39 -36.51 -103.58 16.39
CA LYS I 40 -36.19 -107.35 16.49
CA ARG I 41 -34.48 -109.49 13.80
CA GLY I 42 -36.59 -109.58 10.65
CA GLN I 43 -39.24 -107.28 12.09
CA ALA I 44 -40.58 -103.75 11.69
CA PRO I 45 -39.58 -101.08 14.21
CA ARG I 46 -41.92 -100.59 17.16
CA LEU I 47 -42.55 -97.26 18.83
CA LEU I 48 -41.33 -97.24 22.44
CA ILE I 49 -41.07 -93.63 23.60
CA TYR I 50 -42.45 -90.45 22.05
CA ASP I 51 -42.19 -86.84 23.19
CA ALA I 52 -38.92 -87.64 25.07
CA SER I 53 -40.46 -89.48 27.93
CA SER I 54 -43.92 -90.72 27.16
CA ARG I 55 -44.43 -94.49 26.79
CA ALA I 56 -46.35 -95.72 23.63
CA THR I 57 -49.55 -97.88 24.22
CA GLY I 58 -48.64 -101.14 25.77
CA ILE I 59 -44.99 -100.40 26.65
CA PRO I 60 -44.08 -101.84 30.15
CA ASP I 61 -43.41 -99.54 33.06
CA ARG I 62 -39.79 -100.74 33.26
CA PHE I 63 -39.10 -98.49 30.28
CA SER I 64 -38.46 -94.77 30.80
CA GLY I 65 -36.92 -92.03 28.69
CA SER I 66 -35.22 -88.87 29.87
CA GLY I 67 -33.02 -86.17 28.40
CA SER I 68 -32.87 -82.50 27.46
CA GLY I 69 -31.43 -80.39 24.68
CA THR I 70 -28.91 -82.73 23.11
CA ASP I 71 -28.46 -85.52 25.64
CA PHE I 72 -31.14 -88.16 25.93
CA THR I 73 -31.30 -91.62 27.46
CA LEU I 74 -33.58 -94.68 27.54
CA THR I 75 -33.46 -96.90 30.60
CA ILE I 76 -34.79 -100.35 31.29
CA SER I 77 -34.99 -101.08 35.00
CA ARG I 78 -34.84 -104.84 34.52
CA LEU I 79 -34.12 -106.63 31.25
CA GLU I 80 -36.80 -109.20 30.36
CA PRO I 81 -36.37 -111.78 27.55
CA GLU I 82 -38.51 -109.73 25.17
CA ASP I 83 -36.31 -106.69 25.73
CA PHE I 84 -33.26 -108.07 23.91
CA ALA I 85 -33.28 -106.30 20.54
CA VAL I 86 -31.96 -103.20 18.74
CA TYR I 87 -32.89 -99.76 19.99
CA TYR I 88 -32.96 -96.58 17.91
CA CYS I 89 -33.49 -92.94 18.66
CA GLN I 90 -35.08 -90.46 16.25
CA GLN I 91 -35.34 -86.68 16.23
CA TYR I 92 -38.19 -84.67 14.67
CA GLY I 93 -37.18 -81.17 15.83
CA ARG I 94 -35.86 -80.22 12.42
CA SER I 95 -35.88 -81.56 8.79
CA ARG I 96 -34.32 -83.78 7.63
CA TRP I 97 -35.65 -86.19 10.19
CA THR I 98 -32.99 -88.69 11.31
CA PHE I 99 -32.40 -91.89 13.25
CA GLY I 100 -29.47 -92.88 15.49
CA GLN I 101 -27.05 -95.64 14.41
CA GLY I 102 -28.74 -98.05 16.84
CA THR I 103 -27.61 -100.00 19.93
CA LYS I 104 -27.78 -103.77 20.19
CA VAL I 105 -28.68 -105.20 23.59
CA GLU I 106 -27.17 -108.66 23.68
CA ILE I 107 -27.49 -111.47 26.22
CA LYS I 108 -24.33 -111.64 28.31
#